data_7TME
# 
_entry.id   7TME 
# 
_audit_conform.dict_name       mmcif_pdbx.dic 
_audit_conform.dict_version    5.396 
_audit_conform.dict_location   http://mmcif.pdb.org/dictionaries/ascii/mmcif_pdbx.dic 
# 
loop_
_database_2.database_id 
_database_2.database_code 
_database_2.pdbx_database_accession 
_database_2.pdbx_DOI 
PDB   7TME         pdb_00007tme 10.2210/pdb7tme/pdb 
WWPDB D_1000262541 ?            ?                   
# 
loop_
_pdbx_audit_revision_history.ordinal 
_pdbx_audit_revision_history.data_content_type 
_pdbx_audit_revision_history.major_revision 
_pdbx_audit_revision_history.minor_revision 
_pdbx_audit_revision_history.revision_date 
1 'Structure model' 1 0 2023-01-25 
2 'Structure model' 1 1 2023-08-09 
3 'Structure model' 1 2 2023-10-25 
4 'Structure model' 1 3 2023-11-15 
5 'Structure model' 2 0 2024-09-25 
# 
_pdbx_audit_revision_details.ordinal             1 
_pdbx_audit_revision_details.revision_ordinal    1 
_pdbx_audit_revision_details.data_content_type   'Structure model' 
_pdbx_audit_revision_details.provider            repository 
_pdbx_audit_revision_details.type                'Initial release' 
_pdbx_audit_revision_details.description         ? 
_pdbx_audit_revision_details.details             ? 
# 
loop_
_pdbx_audit_revision_group.ordinal 
_pdbx_audit_revision_group.revision_ordinal 
_pdbx_audit_revision_group.data_content_type 
_pdbx_audit_revision_group.group 
1  2 'Structure model' 'Database references'    
2  3 'Structure model' 'Data collection'        
3  3 'Structure model' 'Refinement description' 
4  4 'Structure model' 'Data collection'        
5  5 'Structure model' Advisory                 
6  5 'Structure model' 'Atomic model'           
7  5 'Structure model' 'Data collection'        
8  5 'Structure model' 'Database references'    
9  5 'Structure model' 'Derived calculations'   
10 5 'Structure model' 'Polymer sequence'       
11 5 'Structure model' 'Source and taxonomy'    
12 5 'Structure model' 'Structure summary'      
# 
loop_
_pdbx_audit_revision_category.ordinal 
_pdbx_audit_revision_category.revision_ordinal 
_pdbx_audit_revision_category.data_content_type 
_pdbx_audit_revision_category.category 
1  2 'Structure model' citation                      
2  2 'Structure model' citation_author               
3  3 'Structure model' chem_comp_atom                
4  3 'Structure model' chem_comp_bond                
5  3 'Structure model' pdbx_initial_refinement_model 
6  4 'Structure model' chem_comp_atom                
7  4 'Structure model' chem_comp_bond                
8  5 'Structure model' atom_site                     
9  5 'Structure model' atom_site_anisotrop           
10 5 'Structure model' entity                        
11 5 'Structure model' entity_poly                   
12 5 'Structure model' entity_poly_seq               
13 5 'Structure model' pdbx_distant_solvent_atoms    
14 5 'Structure model' pdbx_entity_nonpoly           
15 5 'Structure model' pdbx_entity_src_syn           
16 5 'Structure model' pdbx_nonpoly_scheme           
17 5 'Structure model' pdbx_poly_seq_scheme          
18 5 'Structure model' pdbx_struct_assembly_gen      
19 5 'Structure model' pdbx_validate_close_contact   
20 5 'Structure model' struct_asym                   
21 5 'Structure model' struct_conf                   
22 5 'Structure model' struct_conn                   
23 5 'Structure model' struct_ref_seq                
# 
loop_
_pdbx_audit_revision_item.ordinal 
_pdbx_audit_revision_item.revision_ordinal 
_pdbx_audit_revision_item.data_content_type 
_pdbx_audit_revision_item.item 
1  2 'Structure model' '_citation.country'                                           
2  2 'Structure model' '_citation.journal_abbrev'                                    
3  2 'Structure model' '_citation.journal_id_ASTM'                                   
4  2 'Structure model' '_citation.journal_id_CSD'                                    
5  2 'Structure model' '_citation.journal_id_ISSN'                                   
6  2 'Structure model' '_citation.journal_volume'                                    
7  2 'Structure model' '_citation.page_first'                                        
8  2 'Structure model' '_citation.page_last'                                         
9  2 'Structure model' '_citation.pdbx_database_id_DOI'                              
10 2 'Structure model' '_citation.pdbx_database_id_PubMed'                           
11 2 'Structure model' '_citation.title'                                             
12 2 'Structure model' '_citation.year'                                              
13 4 'Structure model' '_chem_comp_atom.atom_id'                                     
14 4 'Structure model' '_chem_comp_bond.atom_id_2'                                   
15 5 'Structure model' '_atom_site.B_iso_or_equiv'                                   
16 5 'Structure model' '_atom_site.Cartn_x'                                          
17 5 'Structure model' '_atom_site.Cartn_y'                                          
18 5 'Structure model' '_atom_site.Cartn_z'                                          
19 5 'Structure model' '_atom_site.auth_atom_id'                                     
20 5 'Structure model' '_atom_site.auth_comp_id'                                     
21 5 'Structure model' '_atom_site.auth_seq_id'                                      
22 5 'Structure model' '_atom_site.group_PDB'                                        
23 5 'Structure model' '_atom_site.label_alt_id'                                     
24 5 'Structure model' '_atom_site.label_asym_id'                                    
25 5 'Structure model' '_atom_site.label_atom_id'                                    
26 5 'Structure model' '_atom_site.label_comp_id'                                    
27 5 'Structure model' '_atom_site.label_entity_id'                                  
28 5 'Structure model' '_atom_site.label_seq_id'                                     
29 5 'Structure model' '_atom_site.occupancy'                                        
30 5 'Structure model' '_atom_site.type_symbol'                                      
31 5 'Structure model' '_atom_site_anisotrop.U[1][1]'                                
32 5 'Structure model' '_atom_site_anisotrop.U[1][2]'                                
33 5 'Structure model' '_atom_site_anisotrop.U[1][3]'                                
34 5 'Structure model' '_atom_site_anisotrop.U[2][2]'                                
35 5 'Structure model' '_atom_site_anisotrop.U[2][3]'                                
36 5 'Structure model' '_atom_site_anisotrop.U[3][3]'                                
37 5 'Structure model' '_atom_site_anisotrop.id'                                     
38 5 'Structure model' '_atom_site_anisotrop.pdbx_auth_atom_id'                      
39 5 'Structure model' '_atom_site_anisotrop.pdbx_auth_comp_id'                      
40 5 'Structure model' '_atom_site_anisotrop.pdbx_auth_seq_id'                       
41 5 'Structure model' '_atom_site_anisotrop.pdbx_label_alt_id'                      
42 5 'Structure model' '_atom_site_anisotrop.pdbx_label_asym_id'                     
43 5 'Structure model' '_atom_site_anisotrop.pdbx_label_atom_id'                     
44 5 'Structure model' '_atom_site_anisotrop.pdbx_label_comp_id'                     
45 5 'Structure model' '_atom_site_anisotrop.pdbx_label_seq_id'                      
46 5 'Structure model' '_atom_site_anisotrop.type_symbol'                            
47 5 'Structure model' '_entity_poly.pdbx_seq_one_letter_code'                       
48 5 'Structure model' '_entity_poly.pdbx_seq_one_letter_code_can'                   
49 5 'Structure model' '_pdbx_distant_solvent_atoms.auth_seq_id'                     
50 5 'Structure model' '_pdbx_distant_solvent_atoms.neighbor_ligand_distance'        
51 5 'Structure model' '_pdbx_distant_solvent_atoms.neighbor_macromolecule_distance' 
52 5 'Structure model' '_pdbx_entity_src_syn.pdbx_end_seq_num'                       
53 5 'Structure model' '_pdbx_struct_assembly_gen.asym_id_list'                      
54 5 'Structure model' '_pdbx_validate_close_contact.auth_seq_id_1'                  
55 5 'Structure model' '_pdbx_validate_close_contact.auth_seq_id_2'                  
56 5 'Structure model' '_struct_conf.beg_label_seq_id'                               
57 5 'Structure model' '_struct_conf.end_label_seq_id'                               
58 5 'Structure model' '_struct_conn.pdbx_dist_value'                                
59 5 'Structure model' '_struct_conn.pdbx_leaving_atom_flag'                         
60 5 'Structure model' '_struct_conn.pdbx_ptnr2_label_alt_id'                        
61 5 'Structure model' '_struct_conn.ptnr1_auth_comp_id'                             
62 5 'Structure model' '_struct_conn.ptnr1_auth_seq_id'                              
63 5 'Structure model' '_struct_conn.ptnr1_label_atom_id'                            
64 5 'Structure model' '_struct_conn.ptnr1_label_comp_id'                            
65 5 'Structure model' '_struct_conn.ptnr1_label_seq_id'                             
66 5 'Structure model' '_struct_conn.ptnr2_auth_comp_id'                             
67 5 'Structure model' '_struct_conn.ptnr2_auth_seq_id'                              
68 5 'Structure model' '_struct_conn.ptnr2_label_asym_id'                            
69 5 'Structure model' '_struct_conn.ptnr2_label_atom_id'                            
70 5 'Structure model' '_struct_conn.ptnr2_label_comp_id'                            
71 5 'Structure model' '_struct_conn.ptnr2_label_seq_id'                             
72 5 'Structure model' '_struct_ref_seq.seq_align_beg'                               
73 5 'Structure model' '_struct_ref_seq.seq_align_end'                               
# 
_pdbx_database_status.status_code                     REL 
_pdbx_database_status.status_code_sf                  REL 
_pdbx_database_status.status_code_mr                  ? 
_pdbx_database_status.entry_id                        7TME 
_pdbx_database_status.recvd_initial_deposition_date   2022-01-19 
_pdbx_database_status.SG_entry                        N 
_pdbx_database_status.deposit_site                    RCSB 
_pdbx_database_status.process_site                    RCSB 
_pdbx_database_status.status_code_cs                  ? 
_pdbx_database_status.status_code_nmr_data            ? 
_pdbx_database_status.methods_development_category    ? 
_pdbx_database_status.pdb_format_compatible           Y 
# 
_pdbx_contact_author.id                 2 
_pdbx_contact_author.email              andyn@uic.edu 
_pdbx_contact_author.name_first         Andy 
_pdbx_contact_author.name_last          Nguyen 
_pdbx_contact_author.name_mi            I 
_pdbx_contact_author.role               'principal investigator/group leader' 
_pdbx_contact_author.identifier_ORCID   0000-0003-4137-6453 
# 
_audit_author.name               'Nguyen, A.I.' 
_audit_author.pdbx_ordinal       1 
_audit_author.identifier_ORCID   0000-0003-4137-6453 
# 
_citation.abstract                  ? 
_citation.abstract_id_CAS           ? 
_citation.book_id_ISBN              ? 
_citation.book_publisher            ? 
_citation.book_publisher_city       ? 
_citation.book_title                ? 
_citation.coordinate_linkage        ? 
_citation.country                   US 
_citation.database_id_Medline       ? 
_citation.details                   ? 
_citation.id                        primary 
_citation.journal_abbrev            J.Am.Chem.Soc. 
_citation.journal_id_ASTM           JACSAT 
_citation.journal_id_CSD            ? 
_citation.journal_id_ISSN           1520-5126 
_citation.journal_full              ? 
_citation.journal_issue             ? 
_citation.journal_volume            144 
_citation.language                  ? 
_citation.page_first                7001 
_citation.page_last                 7009 
_citation.title                     
'Assembly of pi-Stacking Helical Peptides into a Porous and Multivariable Proteomimetic Framework.' 
_citation.year                      2022 
_citation.database_id_CSD           ? 
_citation.pdbx_database_id_DOI      10.1021/jacs.2c02146 
_citation.pdbx_database_id_PubMed   35390261 
_citation.pdbx_database_id_patent   ? 
_citation.unpublished_flag          ? 
# 
loop_
_citation_author.citation_id 
_citation_author.name 
_citation_author.ordinal 
_citation_author.identifier_ORCID 
primary 'Heinz-Kunert, S.L.' 1 ?                   
primary 'Pandya, A.'         2 0000-0003-3303-1009 
primary 'Dang, V.T.'         3 ?                   
primary 'Tran, P.N.'         4 ?                   
primary 'Ghosh, S.'          5 ?                   
primary 'McElheny, D.'       6 ?                   
primary 'Santarsiero, B.D.'  7 0000-0002-9032-9699 
primary 'Ren, Z.'            8 0000-0001-7098-3127 
primary 'Nguyen, A.I.'       9 0000-0003-4137-6453 
# 
loop_
_entity.id 
_entity.type 
_entity.src_method 
_entity.pdbx_description 
_entity.formula_weight 
_entity.pdbx_number_of_molecules 
_entity.pdbx_ec 
_entity.pdbx_mutation 
_entity.pdbx_fragment 
_entity.details 
1 polymer     syn 'bipyridyl-conjugated helical peptide' 1404.572 1  ? ? ? ? 
2 non-polymer syn ACETONITRILE                           41.052   2  ? ? ? ? 
3 water       nat water                                  18.015   16 ? ? ? ? 
# 
_entity_poly.entity_id                      1 
_entity_poly.type                           'polypeptide(L)' 
_entity_poly.nstd_linkage                   no 
_entity_poly.nstd_monomer                   yes 
_entity_poly.pdbx_seq_one_letter_code       '(I6W)L(AIB)ADL(AIB)Q(AIB)L(I77)' 
_entity_poly.pdbx_seq_one_letter_code_can   XLAADLAQALX 
_entity_poly.pdbx_strand_id                 A 
_entity_poly.pdbx_target_identifier         ? 
# 
loop_
_pdbx_entity_nonpoly.entity_id 
_pdbx_entity_nonpoly.name 
_pdbx_entity_nonpoly.comp_id 
2 ACETONITRILE CCN 
3 water        HOH 
# 
loop_
_entity_poly_seq.entity_id 
_entity_poly_seq.num 
_entity_poly_seq.mon_id 
_entity_poly_seq.hetero 
1 1  I6W n 
1 2  LEU n 
1 3  AIB n 
1 4  ALA n 
1 5  ASP n 
1 6  LEU n 
1 7  AIB n 
1 8  GLN n 
1 9  AIB n 
1 10 LEU n 
1 11 I77 n 
# 
_pdbx_entity_src_syn.entity_id              1 
_pdbx_entity_src_syn.pdbx_src_id            1 
_pdbx_entity_src_syn.pdbx_alt_source_flag   sample 
_pdbx_entity_src_syn.pdbx_beg_seq_num       1 
_pdbx_entity_src_syn.pdbx_end_seq_num       11 
_pdbx_entity_src_syn.organism_scientific    'synthetic construct' 
_pdbx_entity_src_syn.organism_common_name   ? 
_pdbx_entity_src_syn.ncbi_taxonomy_id       32630 
_pdbx_entity_src_syn.details                ? 
# 
loop_
_chem_comp.id 
_chem_comp.type 
_chem_comp.mon_nstd_flag 
_chem_comp.name 
_chem_comp.pdbx_synonyms 
_chem_comp.formula 
_chem_comp.formula_weight 
AIB 'L-peptide linking' n 'ALPHA-AMINOISOBUTYRIC ACID'                            ? 'C4 H9 N O2'    103.120 
ALA 'L-peptide linking' y ALANINE                                                 ? 'C3 H7 N O2'    89.093  
ASP 'L-peptide linking' y 'ASPARTIC ACID'                                         ? 'C4 H7 N O4'    133.103 
CCN non-polymer         . ACETONITRILE                                            ? 'C2 H3 N'       41.052  
GLN 'L-peptide linking' y GLUTAMINE                                               ? 'C5 H10 N2 O3'  146.144 
HOH non-polymer         . WATER                                                   ? 'H2 O'          18.015  
I6W non-polymer         . 
;ethyl 5'-formyl[2,2'-bipyridine]-5-carboxylate
;
? 'C14 H12 N2 O3' 256.257 
I77 non-polymer         . "5'-(hydrazinecarbonyl)[2,2'-bipyridine]-5-carboxamide" ? 'C12 H11 N5 O2' 257.248 
LEU 'L-peptide linking' y LEUCINE                                                 ? 'C6 H13 N O2'   131.173 
# 
loop_
_pdbx_poly_seq_scheme.asym_id 
_pdbx_poly_seq_scheme.entity_id 
_pdbx_poly_seq_scheme.seq_id 
_pdbx_poly_seq_scheme.mon_id 
_pdbx_poly_seq_scheme.ndb_seq_num 
_pdbx_poly_seq_scheme.pdb_seq_num 
_pdbx_poly_seq_scheme.auth_seq_num 
_pdbx_poly_seq_scheme.pdb_mon_id 
_pdbx_poly_seq_scheme.auth_mon_id 
_pdbx_poly_seq_scheme.pdb_strand_id 
_pdbx_poly_seq_scheme.pdb_ins_code 
_pdbx_poly_seq_scheme.hetero 
A 1 1  I6W 1  1  1  I6W BPE A . n 
A 1 2  LEU 2  2  2  LEU LEU A . n 
A 1 3  AIB 3  3  3  AIB AIB A . n 
A 1 4  ALA 4  4  4  ALA ALA A . n 
A 1 5  ASP 5  5  5  ASP ASP A . n 
A 1 6  LEU 6  6  6  LEU LEU A . n 
A 1 7  AIB 7  7  7  AIB AIB A . n 
A 1 8  GLN 8  8  8  GLN GLN A . n 
A 1 9  AIB 9  9  9  AIB AIB A . n 
A 1 10 LEU 10 10 10 LEU LEU A . n 
A 1 11 I77 11 11 11 I77 BPH A . n 
# 
loop_
_pdbx_nonpoly_scheme.asym_id 
_pdbx_nonpoly_scheme.entity_id 
_pdbx_nonpoly_scheme.mon_id 
_pdbx_nonpoly_scheme.ndb_seq_num 
_pdbx_nonpoly_scheme.pdb_seq_num 
_pdbx_nonpoly_scheme.auth_seq_num 
_pdbx_nonpoly_scheme.pdb_mon_id 
_pdbx_nonpoly_scheme.auth_mon_id 
_pdbx_nonpoly_scheme.pdb_strand_id 
_pdbx_nonpoly_scheme.pdb_ins_code 
B 2 CCN 1  201 1  CCN ACN A . 
C 2 CCN 1  202 2  CCN ACN A . 
D 3 HOH 1  301 10 HOH HOH A . 
D 3 HOH 2  302 2  HOH HOH A . 
D 3 HOH 3  303 1  HOH HOH A . 
D 3 HOH 4  304 11 HOH HOH A . 
D 3 HOH 5  305 5  HOH HOH A . 
D 3 HOH 6  306 7  HOH HOH A . 
D 3 HOH 7  307 9  HOH HOH A . 
D 3 HOH 8  308 13 HOH HOH A . 
D 3 HOH 9  309 3  HOH HOH A . 
D 3 HOH 10 310 12 HOH HOH A . 
D 3 HOH 11 311 16 HOH HOH A . 
D 3 HOH 12 312 4  HOH HOH A . 
D 3 HOH 13 313 15 HOH HOH A . 
D 3 HOH 14 314 6  HOH HOH A . 
D 3 HOH 15 315 8  HOH HOH A . 
D 3 HOH 16 316 14 HOH HOH A . 
# 
loop_
_software.citation_id 
_software.classification 
_software.compiler_name 
_software.compiler_version 
_software.contact_author 
_software.contact_author_email 
_software.date 
_software.description 
_software.dependencies 
_software.hardware 
_software.language 
_software.location 
_software.mods 
_software.name 
_software.os 
_software.os_version 
_software.type 
_software.version 
_software.pdbx_ordinal 
? refinement       ? ? ? ? ? ? ? ? ? ? ? PHENIX ? ? ? 1.19.2_4158 1 
? 'data reduction' ? ? ? ? ? ? ? ? ? ? ? XDS    ? ? ? .           2 
? 'data scaling'   ? ? ? ? ? ? ? ? ? ? ? XDS    ? ? ? .           3 
? phasing          ? ? ? ? ? ? ? ? ? ? ? PHASER ? ? ? .           4 
# 
_cell.angle_alpha                  90.000 
_cell.angle_alpha_esd              ? 
_cell.angle_beta                   98.821 
_cell.angle_beta_esd               ? 
_cell.angle_gamma                  90.000 
_cell.angle_gamma_esd              ? 
_cell.entry_id                     7TME 
_cell.details                      ? 
_cell.formula_units_Z              ? 
_cell.length_a                     13.561 
_cell.length_a_esd                 ? 
_cell.length_b                     13.527 
_cell.length_b_esd                 ? 
_cell.length_c                     27.851 
_cell.length_c_esd                 ? 
_cell.volume                       5048.550 
_cell.volume_esd                   ? 
_cell.Z_PDB                        2 
_cell.reciprocal_angle_alpha       ? 
_cell.reciprocal_angle_beta        ? 
_cell.reciprocal_angle_gamma       ? 
_cell.reciprocal_angle_alpha_esd   ? 
_cell.reciprocal_angle_beta_esd    ? 
_cell.reciprocal_angle_gamma_esd   ? 
_cell.reciprocal_length_a          ? 
_cell.reciprocal_length_b          ? 
_cell.reciprocal_length_c          ? 
_cell.reciprocal_length_a_esd      ? 
_cell.reciprocal_length_b_esd      ? 
_cell.reciprocal_length_c_esd      ? 
_cell.pdbx_unique_axis             ? 
# 
_symmetry.entry_id                         7TME 
_symmetry.cell_setting                     ? 
_symmetry.Int_Tables_number                4 
_symmetry.space_group_name_Hall            'P 2yb' 
_symmetry.space_group_name_H-M             'P 1 21 1' 
_symmetry.pdbx_full_space_group_name_H-M   ? 
# 
_exptl.absorpt_coefficient_mu     ? 
_exptl.absorpt_correction_T_max   ? 
_exptl.absorpt_correction_T_min   ? 
_exptl.absorpt_correction_type    ? 
_exptl.absorpt_process_details    ? 
_exptl.entry_id                   7TME 
_exptl.crystals_number            1 
_exptl.details                    ? 
_exptl.method                     'X-RAY DIFFRACTION' 
_exptl.method_details             ? 
# 
_exptl_crystal.colour                      ? 
_exptl_crystal.density_diffrn              ? 
_exptl_crystal.density_Matthews            2.72 
_exptl_crystal.density_method              ? 
_exptl_crystal.density_percent_sol         54.83 
_exptl_crystal.description                 ? 
_exptl_crystal.F_000                       ? 
_exptl_crystal.id                          1 
_exptl_crystal.preparation                 ? 
_exptl_crystal.size_max                    ? 
_exptl_crystal.size_mid                    ? 
_exptl_crystal.size_min                    ? 
_exptl_crystal.size_rad                    ? 
_exptl_crystal.colour_lustre               ? 
_exptl_crystal.colour_modifier             ? 
_exptl_crystal.colour_primary              ? 
_exptl_crystal.density_meas                ? 
_exptl_crystal.density_meas_esd            ? 
_exptl_crystal.density_meas_gt             ? 
_exptl_crystal.density_meas_lt             ? 
_exptl_crystal.density_meas_temp           ? 
_exptl_crystal.density_meas_temp_esd       ? 
_exptl_crystal.density_meas_temp_gt        ? 
_exptl_crystal.density_meas_temp_lt        ? 
_exptl_crystal.pdbx_crystal_image_url      ? 
_exptl_crystal.pdbx_crystal_image_format   ? 
_exptl_crystal.pdbx_mosaicity              ? 
_exptl_crystal.pdbx_mosaicity_esd          ? 
# 
_exptl_crystal_grow.apparatus       ? 
_exptl_crystal_grow.atmosphere      ? 
_exptl_crystal_grow.crystal_id      1 
_exptl_crystal_grow.details         ? 
_exptl_crystal_grow.method          'SLOW COOLING' 
_exptl_crystal_grow.method_ref      ? 
_exptl_crystal_grow.pH              ? 
_exptl_crystal_grow.pressure        ? 
_exptl_crystal_grow.pressure_esd    ? 
_exptl_crystal_grow.seeding         ? 
_exptl_crystal_grow.seeding_ref     ? 
_exptl_crystal_grow.temp            295 
_exptl_crystal_grow.temp_details    ? 
_exptl_crystal_grow.temp_esd        ? 
_exptl_crystal_grow.time            ? 
_exptl_crystal_grow.pdbx_details    'acetonitrile and water' 
_exptl_crystal_grow.pdbx_pH_range   ? 
# 
_diffrn.ambient_environment              ? 
_diffrn.ambient_temp                     100 
_diffrn.ambient_temp_details             ? 
_diffrn.ambient_temp_esd                 ? 
_diffrn.crystal_id                       1 
_diffrn.crystal_support                  ? 
_diffrn.crystal_treatment                ? 
_diffrn.details                          ? 
_diffrn.id                               1 
_diffrn.ambient_pressure                 ? 
_diffrn.ambient_pressure_esd             ? 
_diffrn.ambient_pressure_gt              ? 
_diffrn.ambient_pressure_lt              ? 
_diffrn.ambient_temp_gt                  ? 
_diffrn.ambient_temp_lt                  ? 
_diffrn.pdbx_serial_crystal_experiment   N 
# 
_diffrn_detector.details                      ? 
_diffrn_detector.detector                     PIXEL 
_diffrn_detector.diffrn_id                    1 
_diffrn_detector.type                         'DECTRIS EIGER X 9M' 
_diffrn_detector.area_resol_mean              ? 
_diffrn_detector.dtime                        ? 
_diffrn_detector.pdbx_frames_total            ? 
_diffrn_detector.pdbx_collection_time_total   ? 
_diffrn_detector.pdbx_collection_date         2021-07-01 
_diffrn_detector.pdbx_frequency               ? 
# 
_diffrn_radiation.collimation                      ? 
_diffrn_radiation.diffrn_id                        1 
_diffrn_radiation.filter_edge                      ? 
_diffrn_radiation.inhomogeneity                    ? 
_diffrn_radiation.monochromator                    ? 
_diffrn_radiation.polarisn_norm                    ? 
_diffrn_radiation.polarisn_ratio                   ? 
_diffrn_radiation.probe                            ? 
_diffrn_radiation.type                             ? 
_diffrn_radiation.xray_symbol                      ? 
_diffrn_radiation.wavelength_id                    1 
_diffrn_radiation.pdbx_monochromatic_or_laue_m_l   M 
_diffrn_radiation.pdbx_wavelength_list             ? 
_diffrn_radiation.pdbx_wavelength                  ? 
_diffrn_radiation.pdbx_diffrn_protocol             'SINGLE WAVELENGTH' 
_diffrn_radiation.pdbx_analyzer                    ? 
_diffrn_radiation.pdbx_scattering_type             x-ray 
# 
_diffrn_radiation_wavelength.id           1 
_diffrn_radiation_wavelength.wavelength   0.688 
_diffrn_radiation_wavelength.wt           1.0 
# 
_diffrn_source.current                     ? 
_diffrn_source.details                     ? 
_diffrn_source.diffrn_id                   1 
_diffrn_source.power                       ? 
_diffrn_source.size                        ? 
_diffrn_source.source                      SYNCHROTRON 
_diffrn_source.target                      ? 
_diffrn_source.type                        'APS BEAMLINE 21-ID-D' 
_diffrn_source.voltage                     ? 
_diffrn_source.take-off_angle              ? 
_diffrn_source.pdbx_wavelength_list        0.688 
_diffrn_source.pdbx_wavelength             ? 
_diffrn_source.pdbx_synchrotron_beamline   21-ID-D 
_diffrn_source.pdbx_synchrotron_site       APS 
# 
_reflns.B_iso_Wilson_estimate                          4.63 
_reflns.entry_id                                       7TME 
_reflns.data_reduction_details                         ? 
_reflns.data_reduction_method                          ? 
_reflns.d_resolution_high                              0.8 
_reflns.d_resolution_low                               12.14 
_reflns.details                                        ? 
_reflns.limit_h_max                                    ? 
_reflns.limit_h_min                                    ? 
_reflns.limit_k_max                                    ? 
_reflns.limit_k_min                                    ? 
_reflns.limit_l_max                                    ? 
_reflns.limit_l_min                                    ? 
_reflns.number_all                                     ? 
_reflns.number_obs                                     20050 
_reflns.observed_criterion                             ? 
_reflns.observed_criterion_F_max                       ? 
_reflns.observed_criterion_F_min                       ? 
_reflns.observed_criterion_I_max                       ? 
_reflns.observed_criterion_I_min                       ? 
_reflns.observed_criterion_sigma_F                     ? 
_reflns.observed_criterion_sigma_I                     ? 
_reflns.percent_possible_obs                           98.10 
_reflns.R_free_details                                 ? 
_reflns.Rmerge_F_all                                   ? 
_reflns.Rmerge_F_obs                                   ? 
_reflns.Friedel_coverage                               ? 
_reflns.number_gt                                      ? 
_reflns.threshold_expression                           ? 
_reflns.pdbx_redundancy                                6.3 
_reflns.pdbx_Rmerge_I_obs                              ? 
_reflns.pdbx_Rmerge_I_all                              ? 
_reflns.pdbx_Rsym_value                                ? 
_reflns.pdbx_netI_over_av_sigmaI                       ? 
_reflns.pdbx_netI_over_sigmaI                          33.55 
_reflns.pdbx_res_netI_over_av_sigmaI_2                 ? 
_reflns.pdbx_res_netI_over_sigmaI_2                    ? 
_reflns.pdbx_chi_squared                               ? 
_reflns.pdbx_scaling_rejects                           ? 
_reflns.pdbx_d_res_high_opt                            ? 
_reflns.pdbx_d_res_low_opt                             ? 
_reflns.pdbx_d_res_opt_method                          ? 
_reflns.phase_calculation_details                      ? 
_reflns.pdbx_Rrim_I_all                                ? 
_reflns.pdbx_Rpim_I_all                                ? 
_reflns.pdbx_d_opt                                     ? 
_reflns.pdbx_number_measured_all                       ? 
_reflns.pdbx_diffrn_id                                 1 
_reflns.pdbx_ordinal                                   1 
_reflns.pdbx_CC_half                                   0.992 
_reflns.pdbx_CC_star                                   ? 
_reflns.pdbx_R_split                                   ? 
_reflns.pdbx_aniso_diffraction_limit_axis_1_ortho[1]   ? 
_reflns.pdbx_aniso_diffraction_limit_axis_1_ortho[2]   ? 
_reflns.pdbx_aniso_diffraction_limit_axis_1_ortho[3]   ? 
_reflns.pdbx_aniso_diffraction_limit_axis_2_ortho[1]   ? 
_reflns.pdbx_aniso_diffraction_limit_axis_2_ortho[2]   ? 
_reflns.pdbx_aniso_diffraction_limit_axis_2_ortho[3]   ? 
_reflns.pdbx_aniso_diffraction_limit_axis_3_ortho[1]   ? 
_reflns.pdbx_aniso_diffraction_limit_axis_3_ortho[2]   ? 
_reflns.pdbx_aniso_diffraction_limit_axis_3_ortho[3]   ? 
_reflns.pdbx_aniso_diffraction_limit_1                 ? 
_reflns.pdbx_aniso_diffraction_limit_2                 ? 
_reflns.pdbx_aniso_diffraction_limit_3                 ? 
_reflns.pdbx_aniso_B_tensor_eigenvector_1_ortho[1]     ? 
_reflns.pdbx_aniso_B_tensor_eigenvector_1_ortho[2]     ? 
_reflns.pdbx_aniso_B_tensor_eigenvector_1_ortho[3]     ? 
_reflns.pdbx_aniso_B_tensor_eigenvector_2_ortho[1]     ? 
_reflns.pdbx_aniso_B_tensor_eigenvector_2_ortho[2]     ? 
_reflns.pdbx_aniso_B_tensor_eigenvector_2_ortho[3]     ? 
_reflns.pdbx_aniso_B_tensor_eigenvector_3_ortho[1]     ? 
_reflns.pdbx_aniso_B_tensor_eigenvector_3_ortho[2]     ? 
_reflns.pdbx_aniso_B_tensor_eigenvector_3_ortho[3]     ? 
_reflns.pdbx_aniso_B_tensor_eigenvalue_1               ? 
_reflns.pdbx_aniso_B_tensor_eigenvalue_2               ? 
_reflns.pdbx_aniso_B_tensor_eigenvalue_3               ? 
_reflns.pdbx_orthogonalization_convention              ? 
_reflns.pdbx_percent_possible_ellipsoidal              ? 
_reflns.pdbx_percent_possible_spherical                ? 
_reflns.pdbx_percent_possible_ellipsoidal_anomalous    ? 
_reflns.pdbx_percent_possible_spherical_anomalous      ? 
_reflns.pdbx_redundancy_anomalous                      ? 
_reflns.pdbx_CC_half_anomalous                         ? 
_reflns.pdbx_absDiff_over_sigma_anomalous              ? 
_reflns.pdbx_percent_possible_anomalous                ? 
_reflns.pdbx_observed_signal_threshold                 ? 
_reflns.pdbx_signal_type                               ? 
_reflns.pdbx_signal_details                            ? 
_reflns.pdbx_signal_software_id                        ? 
# 
_reflns_shell.d_res_high                                    0.8 
_reflns_shell.d_res_low                                     0.8286 
_reflns_shell.meanI_over_sigI_all                           ? 
_reflns_shell.meanI_over_sigI_obs                           9.96 
_reflns_shell.number_measured_all                           ? 
_reflns_shell.number_measured_obs                           ? 
_reflns_shell.number_possible                               ? 
_reflns_shell.number_unique_all                             ? 
_reflns_shell.number_unique_obs                             1002 
_reflns_shell.percent_possible_all                          ? 
_reflns_shell.percent_possible_obs                          ? 
_reflns_shell.Rmerge_F_all                                  ? 
_reflns_shell.Rmerge_F_obs                                  ? 
_reflns_shell.Rmerge_I_all                                  ? 
_reflns_shell.Rmerge_I_obs                                  ? 
_reflns_shell.meanI_over_sigI_gt                            ? 
_reflns_shell.meanI_over_uI_all                             ? 
_reflns_shell.meanI_over_uI_gt                              ? 
_reflns_shell.number_measured_gt                            ? 
_reflns_shell.number_unique_gt                              ? 
_reflns_shell.percent_possible_gt                           ? 
_reflns_shell.Rmerge_F_gt                                   ? 
_reflns_shell.Rmerge_I_gt                                   ? 
_reflns_shell.pdbx_redundancy                               ? 
_reflns_shell.pdbx_Rsym_value                               ? 
_reflns_shell.pdbx_chi_squared                              ? 
_reflns_shell.pdbx_netI_over_sigmaI_all                     ? 
_reflns_shell.pdbx_netI_over_sigmaI_obs                     ? 
_reflns_shell.pdbx_Rrim_I_all                               0.03592 
_reflns_shell.pdbx_Rpim_I_all                               ? 
_reflns_shell.pdbx_rejects                                  ? 
_reflns_shell.pdbx_ordinal                                  1 
_reflns_shell.pdbx_diffrn_id                                1 
_reflns_shell.pdbx_CC_half                                  ? 
_reflns_shell.pdbx_CC_star                                  ? 
_reflns_shell.pdbx_R_split                                  ? 
_reflns_shell.pdbx_percent_possible_ellipsoidal             ? 
_reflns_shell.pdbx_percent_possible_spherical               ? 
_reflns_shell.pdbx_percent_possible_ellipsoidal_anomalous   ? 
_reflns_shell.pdbx_percent_possible_spherical_anomalous     ? 
_reflns_shell.pdbx_redundancy_anomalous                     ? 
_reflns_shell.pdbx_CC_half_anomalous                        ? 
_reflns_shell.pdbx_absDiff_over_sigma_anomalous             ? 
_reflns_shell.pdbx_percent_possible_anomalous               ? 
# 
_refine.aniso_B[1][1]                            ? 
_refine.aniso_B[1][2]                            ? 
_refine.aniso_B[1][3]                            ? 
_refine.aniso_B[2][2]                            ? 
_refine.aniso_B[2][3]                            ? 
_refine.aniso_B[3][3]                            ? 
_refine.B_iso_max                                ? 
_refine.B_iso_mean                               8.29 
_refine.B_iso_min                                ? 
_refine.correlation_coeff_Fo_to_Fc               ? 
_refine.correlation_coeff_Fo_to_Fc_free          ? 
_refine.details                                  ? 
_refine.diff_density_max                         ? 
_refine.diff_density_max_esd                     ? 
_refine.diff_density_min                         ? 
_refine.diff_density_min_esd                     ? 
_refine.diff_density_rms                         ? 
_refine.diff_density_rms_esd                     ? 
_refine.entry_id                                 7TME 
_refine.pdbx_refine_id                           'X-RAY DIFFRACTION' 
_refine.ls_abs_structure_details                 ? 
_refine.ls_abs_structure_Flack                   ? 
_refine.ls_abs_structure_Flack_esd               ? 
_refine.ls_abs_structure_Rogers                  ? 
_refine.ls_abs_structure_Rogers_esd              ? 
_refine.ls_d_res_high                            0.80 
_refine.ls_d_res_low                             12.14 
_refine.ls_extinction_coef                       ? 
_refine.ls_extinction_coef_esd                   ? 
_refine.ls_extinction_expression                 ? 
_refine.ls_extinction_method                     ? 
_refine.ls_goodness_of_fit_all                   ? 
_refine.ls_goodness_of_fit_all_esd               ? 
_refine.ls_goodness_of_fit_obs                   ? 
_refine.ls_goodness_of_fit_obs_esd               ? 
_refine.ls_hydrogen_treatment                    ? 
_refine.ls_matrix_type                           ? 
_refine.ls_number_constraints                    ? 
_refine.ls_number_parameters                     ? 
_refine.ls_number_reflns_all                     ? 
_refine.ls_number_reflns_obs                     20050 
_refine.ls_number_reflns_R_free                  2003 
_refine.ls_number_reflns_R_work                  18047 
_refine.ls_number_restraints                     ? 
_refine.ls_percent_reflns_obs                    97.27 
_refine.ls_percent_reflns_R_free                 9.99 
_refine.ls_R_factor_all                          ? 
_refine.ls_R_factor_obs                          0.1078 
_refine.ls_R_factor_R_free                       0.1250 
_refine.ls_R_factor_R_free_error                 ? 
_refine.ls_R_factor_R_free_error_details         ? 
_refine.ls_R_factor_R_work                       0.1061 
_refine.ls_R_Fsqd_factor_obs                     ? 
_refine.ls_R_I_factor_obs                        ? 
_refine.ls_redundancy_reflns_all                 ? 
_refine.ls_redundancy_reflns_obs                 ? 
_refine.ls_restrained_S_all                      ? 
_refine.ls_restrained_S_obs                      ? 
_refine.ls_shift_over_esd_max                    ? 
_refine.ls_shift_over_esd_mean                   ? 
_refine.ls_structure_factor_coef                 ? 
_refine.ls_weighting_details                     ? 
_refine.ls_weighting_scheme                      ? 
_refine.ls_wR_factor_all                         ? 
_refine.ls_wR_factor_obs                         ? 
_refine.ls_wR_factor_R_free                      ? 
_refine.ls_wR_factor_R_work                      ? 
_refine.occupancy_max                            ? 
_refine.occupancy_min                            ? 
_refine.solvent_model_details                    'FLAT BULK SOLVENT MODEL' 
_refine.solvent_model_param_bsol                 ? 
_refine.solvent_model_param_ksol                 ? 
_refine.pdbx_R_complete                          ? 
_refine.ls_R_factor_gt                           ? 
_refine.ls_goodness_of_fit_gt                    ? 
_refine.ls_goodness_of_fit_ref                   ? 
_refine.ls_shift_over_su_max                     ? 
_refine.ls_shift_over_su_max_lt                  ? 
_refine.ls_shift_over_su_mean                    ? 
_refine.ls_shift_over_su_mean_lt                 ? 
_refine.pdbx_ls_sigma_I                          ? 
_refine.pdbx_ls_sigma_F                          1.44 
_refine.pdbx_ls_sigma_Fsqd                       ? 
_refine.pdbx_data_cutoff_high_absF               ? 
_refine.pdbx_data_cutoff_high_rms_absF           ? 
_refine.pdbx_data_cutoff_low_absF                ? 
_refine.pdbx_isotropic_thermal_model             ? 
_refine.pdbx_ls_cross_valid_method               'FREE R-VALUE' 
_refine.pdbx_method_to_determine_struct          'MOLECULAR REPLACEMENT' 
_refine.pdbx_starting_model                      7TLS 
_refine.pdbx_stereochemistry_target_values       'GeoStd + Monomer Library + CDL v1.2' 
_refine.pdbx_R_Free_selection_details            ? 
_refine.pdbx_stereochem_target_val_spec_case     ? 
_refine.pdbx_overall_ESU_R                       ? 
_refine.pdbx_overall_ESU_R_Free                  ? 
_refine.pdbx_solvent_vdw_probe_radii             1.1100 
_refine.pdbx_solvent_ion_probe_radii             ? 
_refine.pdbx_solvent_shrinkage_radii             0.9000 
_refine.pdbx_real_space_R                        ? 
_refine.pdbx_density_correlation                 ? 
_refine.pdbx_pd_number_of_powder_patterns        ? 
_refine.pdbx_pd_number_of_points                 ? 
_refine.pdbx_pd_meas_number_of_points            ? 
_refine.pdbx_pd_proc_ls_prof_R_factor            ? 
_refine.pdbx_pd_proc_ls_prof_wR_factor           ? 
_refine.pdbx_pd_Marquardt_correlation_coeff      ? 
_refine.pdbx_pd_Fsqrd_R_factor                   ? 
_refine.pdbx_pd_ls_matrix_band_width             ? 
_refine.pdbx_overall_phase_error                 12.0371 
_refine.pdbx_overall_SU_R_free_Cruickshank_DPI   ? 
_refine.pdbx_overall_SU_R_free_Blow_DPI          ? 
_refine.pdbx_overall_SU_R_Blow_DPI               ? 
_refine.pdbx_TLS_residual_ADP_flag               ? 
_refine.pdbx_diffrn_id                           1 
_refine.overall_SU_B                             ? 
_refine.overall_SU_ML                            0.0314 
_refine.overall_SU_R_Cruickshank_DPI             ? 
_refine.overall_SU_R_free                        ? 
_refine.overall_FOM_free_R_set                   ? 
_refine.overall_FOM_work_R_set                   ? 
_refine.pdbx_average_fsc_overall                 ? 
_refine.pdbx_average_fsc_work                    ? 
_refine.pdbx_average_fsc_free                    ? 
# 
_refine_hist.pdbx_refine_id                   'X-RAY DIFFRACTION' 
_refine_hist.cycle_id                         LAST 
_refine_hist.details                          ? 
_refine_hist.d_res_high                       0.80 
_refine_hist.d_res_low                        12.14 
_refine_hist.number_atoms_solvent             16 
_refine_hist.number_atoms_total               124 
_refine_hist.number_reflns_all                ? 
_refine_hist.number_reflns_obs                ? 
_refine_hist.number_reflns_R_free             ? 
_refine_hist.number_reflns_R_work             ? 
_refine_hist.R_factor_all                     ? 
_refine_hist.R_factor_obs                     ? 
_refine_hist.R_factor_R_free                  ? 
_refine_hist.R_factor_R_work                  ? 
_refine_hist.pdbx_number_residues_total       ? 
_refine_hist.pdbx_B_iso_mean_ligand           ? 
_refine_hist.pdbx_B_iso_mean_solvent          ? 
_refine_hist.pdbx_number_atoms_protein        83 
_refine_hist.pdbx_number_atoms_nucleic_acid   0 
_refine_hist.pdbx_number_atoms_ligand         25 
_refine_hist.pdbx_number_atoms_lipid          ? 
_refine_hist.pdbx_number_atoms_carb           ? 
_refine_hist.pdbx_pseudo_atom_details         ? 
# 
loop_
_refine_ls_restr.pdbx_refine_id 
_refine_ls_restr.criterion 
_refine_ls_restr.dev_ideal 
_refine_ls_restr.dev_ideal_target 
_refine_ls_restr.number 
_refine_ls_restr.rejects 
_refine_ls_restr.type 
_refine_ls_restr.weight 
_refine_ls_restr.pdbx_restraint_function 
'X-RAY DIFFRACTION' ? 0.0097  ? 172 ? f_bond_d           ? ? 
'X-RAY DIFFRACTION' ? 1.8099  ? 234 ? f_angle_d          ? ? 
'X-RAY DIFFRACTION' ? 0.0328  ? 14  ? f_chiral_restr     ? ? 
'X-RAY DIFFRACTION' ? 0.0086  ? 29  ? f_plane_restr      ? ? 
'X-RAY DIFFRACTION' ? 48.6670 ? 29  ? f_dihedral_angle_d ? ? 
# 
loop_
_refine_ls_shell.pdbx_refine_id 
_refine_ls_shell.d_res_high 
_refine_ls_shell.d_res_low 
_refine_ls_shell.number_reflns_all 
_refine_ls_shell.number_reflns_obs 
_refine_ls_shell.number_reflns_R_free 
_refine_ls_shell.number_reflns_R_work 
_refine_ls_shell.percent_reflns_obs 
_refine_ls_shell.percent_reflns_R_free 
_refine_ls_shell.R_factor_all 
_refine_ls_shell.R_factor_obs 
_refine_ls_shell.R_factor_R_free 
_refine_ls_shell.R_factor_R_free_error 
_refine_ls_shell.R_factor_R_work 
_refine_ls_shell.redundancy_reflns_all 
_refine_ls_shell.redundancy_reflns_obs 
_refine_ls_shell.wR_factor_all 
_refine_ls_shell.wR_factor_obs 
_refine_ls_shell.wR_factor_R_free 
_refine_ls_shell.wR_factor_R_work 
_refine_ls_shell.pdbx_R_complete 
_refine_ls_shell.pdbx_total_number_of_bins_used 
_refine_ls_shell.pdbx_phase_error 
_refine_ls_shell.pdbx_fsc_work 
_refine_ls_shell.pdbx_fsc_free 
'X-RAY DIFFRACTION' 0.80 0.82  . . 132 1211 93.65 . . . 0.1403 . 0.1550 . . . . . . . . . . . 
'X-RAY DIFFRACTION' 0.82 0.84  . . 149 1343 98.35 . . . 0.1485 . 0.1401 . . . . . . . . . . . 
'X-RAY DIFFRACTION' 0.84 0.87  . . 145 1266 97.78 . . . 0.1350 . 0.1340 . . . . . . . . . . . 
'X-RAY DIFFRACTION' 0.87 0.89  . . 140 1293 97.95 . . . 0.1133 . 0.1122 . . . . . . . . . . . 
'X-RAY DIFFRACTION' 0.89 0.93  . . 137 1264 97.36 . . . 0.1258 . 0.1053 . . . . . . . . . . . 
'X-RAY DIFFRACTION' 0.93 0.96  . . 154 1339 97.07 . . . 0.1071 . 0.0991 . . . . . . . . . . . 
'X-RAY DIFFRACTION' 0.96 1.01  . . 141 1225 94.93 . . . 0.1180 . 0.0946 . . . . . . . . . . . 
'X-RAY DIFFRACTION' 1.01 1.06  . . 146 1276 95.18 . . . 0.1129 . 0.0939 . . . . . . . . . . . 
'X-RAY DIFFRACTION' 1.06 1.13  . . 142 1342 98.74 . . . 0.1084 . 0.0831 . . . . . . . . . . . 
'X-RAY DIFFRACTION' 1.13 1.21  . . 141 1305 99.11 . . . 0.0974 . 0.0922 . . . . . . . . . . . 
'X-RAY DIFFRACTION' 1.21 1.34  . . 146 1289 98.97 . . . 0.1078 . 0.0985 . . . . . . . . . . . 
'X-RAY DIFFRACTION' 1.34 1.53  . . 146 1321 99.05 . . . 0.1183 . 0.1184 . . . . . . . . . . . 
'X-RAY DIFFRACTION' 1.53 1.92  . . 140 1277 95.04 . . . 0.1068 . 0.1125 . . . . . . . . . . . 
'X-RAY DIFFRACTION' 1.93 12.14 . . 144 1296 98.70 . . . 0.1641 . 0.1077 . . . . . . . . . . . 
# 
_struct.entry_id                     7TME 
_struct.title                        'Porous framework formed by assembly of a bipyridyl-conjugated helical peptide' 
_struct.pdbx_model_details           ? 
_struct.pdbx_formula_weight          ? 
_struct.pdbx_formula_weight_method   ? 
_struct.pdbx_model_type_details      ? 
_struct.pdbx_CASP_flag               N 
# 
_struct_keywords.entry_id        7TME 
_struct_keywords.text            'porous, framework, helix, 310, alpha, assembly, bipyridine, UIC-1, DE NOVO PROTEIN' 
_struct_keywords.pdbx_keywords   'DE NOVO PROTEIN' 
# 
loop_
_struct_asym.id 
_struct_asym.pdbx_blank_PDB_chainid_flag 
_struct_asym.pdbx_modified 
_struct_asym.entity_id 
_struct_asym.details 
A N N 1 ? 
B N N 2 ? 
C N N 2 ? 
D N N 3 ? 
# 
_struct_ref.id                         1 
_struct_ref.db_name                    PDB 
_struct_ref.db_code                    7TME 
_struct_ref.pdbx_db_accession          7TME 
_struct_ref.pdbx_db_isoform            ? 
_struct_ref.entity_id                  1 
_struct_ref.pdbx_seq_one_letter_code   ? 
_struct_ref.pdbx_align_begin           1 
# 
_struct_ref_seq.align_id                      1 
_struct_ref_seq.ref_id                        1 
_struct_ref_seq.pdbx_PDB_id_code              7TME 
_struct_ref_seq.pdbx_strand_id                A 
_struct_ref_seq.seq_align_beg                 2 
_struct_ref_seq.pdbx_seq_align_beg_ins_code   ? 
_struct_ref_seq.seq_align_end                 10 
_struct_ref_seq.pdbx_seq_align_end_ins_code   ? 
_struct_ref_seq.pdbx_db_accession             7TME 
_struct_ref_seq.db_align_beg                  2 
_struct_ref_seq.pdbx_db_align_beg_ins_code    ? 
_struct_ref_seq.db_align_end                  10 
_struct_ref_seq.pdbx_db_align_end_ins_code    ? 
_struct_ref_seq.pdbx_auth_seq_align_beg       2 
_struct_ref_seq.pdbx_auth_seq_align_end       10 
# 
_pdbx_struct_assembly.id                   1 
_pdbx_struct_assembly.details              software_defined_assembly 
_pdbx_struct_assembly.method_details       PISA 
_pdbx_struct_assembly.oligomeric_details   monomeric 
_pdbx_struct_assembly.oligomeric_count     1 
# 
_pdbx_struct_assembly_gen.assembly_id       1 
_pdbx_struct_assembly_gen.oper_expression   1 
_pdbx_struct_assembly_gen.asym_id_list      A,B,C,D 
# 
_pdbx_struct_assembly_auth_evidence.id                     1 
_pdbx_struct_assembly_auth_evidence.assembly_id            1 
_pdbx_struct_assembly_auth_evidence.experimental_support   none 
_pdbx_struct_assembly_auth_evidence.details                ? 
# 
_pdbx_struct_oper_list.id                   1 
_pdbx_struct_oper_list.type                 'identity operation' 
_pdbx_struct_oper_list.name                 1_555 
_pdbx_struct_oper_list.symmetry_operation   x,y,z 
_pdbx_struct_oper_list.matrix[1][1]         1.0000000000 
_pdbx_struct_oper_list.matrix[1][2]         0.0000000000 
_pdbx_struct_oper_list.matrix[1][3]         0.0000000000 
_pdbx_struct_oper_list.vector[1]            0.0000000000 
_pdbx_struct_oper_list.matrix[2][1]         0.0000000000 
_pdbx_struct_oper_list.matrix[2][2]         1.0000000000 
_pdbx_struct_oper_list.matrix[2][3]         0.0000000000 
_pdbx_struct_oper_list.vector[2]            0.0000000000 
_pdbx_struct_oper_list.matrix[3][1]         0.0000000000 
_pdbx_struct_oper_list.matrix[3][2]         0.0000000000 
_pdbx_struct_oper_list.matrix[3][3]         1.0000000000 
_pdbx_struct_oper_list.vector[3]            0.0000000000 
# 
_struct_conf.conf_type_id            HELX_P 
_struct_conf.id                      HELX_P1 
_struct_conf.pdbx_PDB_helix_id       AA1 
_struct_conf.beg_label_comp_id       LEU 
_struct_conf.beg_label_asym_id       A 
_struct_conf.beg_label_seq_id        2 
_struct_conf.pdbx_beg_PDB_ins_code   ? 
_struct_conf.end_label_comp_id       GLN 
_struct_conf.end_label_asym_id       A 
_struct_conf.end_label_seq_id        8 
_struct_conf.pdbx_end_PDB_ins_code   ? 
_struct_conf.beg_auth_comp_id        LEU 
_struct_conf.beg_auth_asym_id        A 
_struct_conf.beg_auth_seq_id         2 
_struct_conf.end_auth_comp_id        GLN 
_struct_conf.end_auth_asym_id        A 
_struct_conf.end_auth_seq_id         8 
_struct_conf.pdbx_PDB_helix_class    1 
_struct_conf.details                 ? 
_struct_conf.pdbx_PDB_helix_length   7 
# 
_struct_conf_type.id          HELX_P 
_struct_conf_type.criteria    ? 
_struct_conf_type.reference   ? 
# 
loop_
_struct_conn.id 
_struct_conn.conn_type_id 
_struct_conn.pdbx_leaving_atom_flag 
_struct_conn.pdbx_PDB_id 
_struct_conn.ptnr1_label_asym_id 
_struct_conn.ptnr1_label_comp_id 
_struct_conn.ptnr1_label_seq_id 
_struct_conn.ptnr1_label_atom_id 
_struct_conn.pdbx_ptnr1_label_alt_id 
_struct_conn.pdbx_ptnr1_PDB_ins_code 
_struct_conn.pdbx_ptnr1_standard_comp_id 
_struct_conn.ptnr1_symmetry 
_struct_conn.ptnr2_label_asym_id 
_struct_conn.ptnr2_label_comp_id 
_struct_conn.ptnr2_label_seq_id 
_struct_conn.ptnr2_label_atom_id 
_struct_conn.pdbx_ptnr2_label_alt_id 
_struct_conn.pdbx_ptnr2_PDB_ins_code 
_struct_conn.ptnr1_auth_asym_id 
_struct_conn.ptnr1_auth_comp_id 
_struct_conn.ptnr1_auth_seq_id 
_struct_conn.ptnr2_auth_asym_id 
_struct_conn.ptnr2_auth_comp_id 
_struct_conn.ptnr2_auth_seq_id 
_struct_conn.ptnr2_symmetry 
_struct_conn.pdbx_ptnr3_label_atom_id 
_struct_conn.pdbx_ptnr3_label_seq_id 
_struct_conn.pdbx_ptnr3_label_comp_id 
_struct_conn.pdbx_ptnr3_label_asym_id 
_struct_conn.pdbx_ptnr3_label_alt_id 
_struct_conn.pdbx_ptnr3_PDB_ins_code 
_struct_conn.details 
_struct_conn.pdbx_dist_value 
_struct_conn.pdbx_value_order 
_struct_conn.pdbx_role 
covale1  covale one  ? A I6W 1  C02 A ? ? 1_555 A LEU 2  N   A ? A I6W 1  A LEU 2  1_555 ? ? ? ? ? ? ? 1.431 ? ? 
covale2  covale one  ? A I6W 1  C02 B ? ? 1_555 A LEU 2  N   B ? A I6W 1  A LEU 2  1_555 ? ? ? ? ? ? ? 1.418 ? ? 
covale3  covale both ? A LEU 2  C   A ? ? 1_555 A AIB 3  N   ? ? A LEU 2  A AIB 3  1_555 ? ? ? ? ? ? ? 1.331 ? ? 
covale4  covale both ? A LEU 2  C   B ? ? 1_555 A AIB 3  N   ? ? A LEU 2  A AIB 3  1_555 ? ? ? ? ? ? ? 1.331 ? ? 
covale5  covale both ? A AIB 3  C   ? ? ? 1_555 A ALA 4  N   ? ? A AIB 3  A ALA 4  1_555 ? ? ? ? ? ? ? 1.331 ? ? 
covale6  covale both ? A LEU 6  C   ? ? ? 1_555 A AIB 7  N   ? ? A LEU 6  A AIB 7  1_555 ? ? ? ? ? ? ? 1.338 ? ? 
covale7  covale both ? A AIB 7  C   ? ? ? 1_555 A GLN 8  N   ? ? A AIB 7  A GLN 8  1_555 ? ? ? ? ? ? ? 1.339 ? ? 
covale8  covale both ? A GLN 8  C   ? ? ? 1_555 A AIB 9  N   ? ? A GLN 8  A AIB 9  1_555 ? ? ? ? ? ? ? 1.344 ? ? 
covale9  covale both ? A AIB 9  C   ? ? ? 1_555 A LEU 10 N   A ? A AIB 9  A LEU 10 1_555 ? ? ? ? ? ? ? 1.332 ? ? 
covale10 covale both ? A AIB 9  C   ? ? ? 1_555 A LEU 10 N   B ? A AIB 9  A LEU 10 1_555 ? ? ? ? ? ? ? 1.335 ? ? 
covale11 covale one  ? A LEU 10 C   A ? ? 1_555 A I77 11 N15 A ? A LEU 10 A I77 11 1_555 ? ? ? ? ? ? ? 1.409 ? ? 
covale12 covale one  ? A LEU 10 C   B ? ? 1_555 A I77 11 N15 B ? A LEU 10 A I77 11 1_555 ? ? ? ? ? ? ? 1.428 ? ? 
# 
_struct_conn_type.id          covale 
_struct_conn_type.criteria    ? 
_struct_conn_type.reference   ? 
# 
_pdbx_entry_details.entry_id                   7TME 
_pdbx_entry_details.has_ligand_of_interest     N 
_pdbx_entry_details.compound_details           ? 
_pdbx_entry_details.source_details             ? 
_pdbx_entry_details.nonpolymer_details         ? 
_pdbx_entry_details.sequence_details           ? 
_pdbx_entry_details.has_protein_modification   ? 
# 
loop_
_pdbx_validate_close_contact.id 
_pdbx_validate_close_contact.PDB_model_num 
_pdbx_validate_close_contact.auth_atom_id_1 
_pdbx_validate_close_contact.auth_asym_id_1 
_pdbx_validate_close_contact.auth_comp_id_1 
_pdbx_validate_close_contact.auth_seq_id_1 
_pdbx_validate_close_contact.PDB_ins_code_1 
_pdbx_validate_close_contact.label_alt_id_1 
_pdbx_validate_close_contact.auth_atom_id_2 
_pdbx_validate_close_contact.auth_asym_id_2 
_pdbx_validate_close_contact.auth_comp_id_2 
_pdbx_validate_close_contact.auth_seq_id_2 
_pdbx_validate_close_contact.PDB_ins_code_2 
_pdbx_validate_close_contact.label_alt_id_2 
_pdbx_validate_close_contact.dist 
1 1 O17 A I6W 1   ? A O A HOH 301 ? ? 2.02 
2 1 O   A HOH 314 ? ? O A HOH 316 ? ? 2.11 
# 
loop_
_space_group_symop.id 
_space_group_symop.operation_xyz 
1 x,y,z       
2 -x,y+1/2,-z 
# 
_pdbx_distant_solvent_atoms.id                                1 
_pdbx_distant_solvent_atoms.PDB_model_num                     1 
_pdbx_distant_solvent_atoms.auth_atom_id                      O 
_pdbx_distant_solvent_atoms.label_alt_id                      ? 
_pdbx_distant_solvent_atoms.auth_asym_id                      A 
_pdbx_distant_solvent_atoms.auth_comp_id                      HOH 
_pdbx_distant_solvent_atoms.auth_seq_id                       316 
_pdbx_distant_solvent_atoms.PDB_ins_code                      ? 
_pdbx_distant_solvent_atoms.neighbor_macromolecule_distance   6.74 
_pdbx_distant_solvent_atoms.neighbor_ligand_distance          . 
# 
loop_
_chem_comp_atom.comp_id 
_chem_comp_atom.atom_id 
_chem_comp_atom.type_symbol 
_chem_comp_atom.pdbx_aromatic_flag 
_chem_comp_atom.pdbx_stereo_config 
_chem_comp_atom.pdbx_ordinal 
AIB N    N N N 1   
AIB CA   C N N 2   
AIB C    C N N 3   
AIB O    O N N 4   
AIB OXT  O N N 5   
AIB CB1  C N N 6   
AIB CB2  C N N 7   
AIB H    H N N 8   
AIB H2   H N N 9   
AIB HXT  H N N 10  
AIB HB11 H N N 11  
AIB HB12 H N N 12  
AIB HB13 H N N 13  
AIB HB21 H N N 14  
AIB HB22 H N N 15  
AIB HB23 H N N 16  
ALA N    N N N 17  
ALA CA   C N S 18  
ALA C    C N N 19  
ALA O    O N N 20  
ALA CB   C N N 21  
ALA OXT  O N N 22  
ALA H    H N N 23  
ALA H2   H N N 24  
ALA HA   H N N 25  
ALA HB1  H N N 26  
ALA HB2  H N N 27  
ALA HB3  H N N 28  
ALA HXT  H N N 29  
ASP N    N N N 30  
ASP CA   C N S 31  
ASP C    C N N 32  
ASP O    O N N 33  
ASP CB   C N N 34  
ASP CG   C N N 35  
ASP OD1  O N N 36  
ASP OD2  O N N 37  
ASP OXT  O N N 38  
ASP H    H N N 39  
ASP H2   H N N 40  
ASP HA   H N N 41  
ASP HB2  H N N 42  
ASP HB3  H N N 43  
ASP HD2  H N N 44  
ASP HXT  H N N 45  
CCN N    N N N 46  
CCN C1   C N N 47  
CCN C2   C N N 48  
CCN H21  H N N 49  
CCN H22  H N N 50  
CCN H23  H N N 51  
GLN N    N N N 52  
GLN CA   C N S 53  
GLN C    C N N 54  
GLN O    O N N 55  
GLN CB   C N N 56  
GLN CG   C N N 57  
GLN CD   C N N 58  
GLN OE1  O N N 59  
GLN NE2  N N N 60  
GLN OXT  O N N 61  
GLN H    H N N 62  
GLN H2   H N N 63  
GLN HA   H N N 64  
GLN HB2  H N N 65  
GLN HB3  H N N 66  
GLN HG2  H N N 67  
GLN HG3  H N N 68  
GLN HE21 H N N 69  
GLN HE22 H N N 70  
GLN HXT  H N N 71  
HOH O    O N N 72  
HOH H1   H N N 73  
HOH H2   H N N 74  
I6W C05  C Y N 75  
I6W C08  C Y N 76  
I6W C09  C Y N 77  
I6W N10  N Y N 78  
I6W C02  C N N 79  
I6W C03  C Y N 80  
I6W C04  C Y N 81  
I6W C06  C Y N 82  
I6W C11  C Y N 83  
I6W C12  C Y N 84  
I6W C13  C N N 85  
I6W C15  C N N 86  
I6W C16  C N N 87  
I6W C18  C Y N 88  
I6W C19  C Y N 89  
I6W N07  N Y N 90  
I6W O01  O N N 91  
I6W O14  O N N 92  
I6W O17  O N N 93  
I6W H051 H N N 94  
I6W H1   H N N 95  
I6W H041 H N N 96  
I6W H061 H N N 97  
I6W H111 H N N 98  
I6W H152 H N N 99  
I6W H151 H N N 100 
I6W H162 H N N 101 
I6W H163 H N N 102 
I6W H161 H N N 103 
I6W H181 H N N 104 
I6W H191 H N N 105 
I77 C11  C Y N 106 
I77 C12  C Y N 107 
I77 C13  C N N 108 
I77 C17  C Y N 109 
I77 C18  C Y N 110 
I77 C02  C N N 111 
I77 C03  C Y N 112 
I77 C04  C Y N 113 
I77 C05  C Y N 114 
I77 C06  C Y N 115 
I77 C08  C Y N 116 
I77 C09  C Y N 117 
I77 N01  N N N 118 
I77 N07  N Y N 119 
I77 N10  N Y N 120 
I77 N14  N N N 121 
I77 N15  N N N 122 
I77 O16  O N N 123 
I77 O19  O N N 124 
I77 H111 H N N 125 
I77 H171 H N N 126 
I77 H181 H N N 127 
I77 H041 H N N 128 
I77 H051 H N N 129 
I77 H061 H N N 130 
I77 H011 H N N 131 
I77 H012 H N N 132 
I77 H141 H N N 133 
I77 H1   H N N 134 
I77 H2   H N N 135 
LEU N    N N N 136 
LEU CA   C N S 137 
LEU C    C N N 138 
LEU O    O N N 139 
LEU CB   C N N 140 
LEU CG   C N N 141 
LEU CD1  C N N 142 
LEU CD2  C N N 143 
LEU OXT  O N N 144 
LEU H    H N N 145 
LEU H2   H N N 146 
LEU HA   H N N 147 
LEU HB2  H N N 148 
LEU HB3  H N N 149 
LEU HG   H N N 150 
LEU HD11 H N N 151 
LEU HD12 H N N 152 
LEU HD13 H N N 153 
LEU HD21 H N N 154 
LEU HD22 H N N 155 
LEU HD23 H N N 156 
LEU HXT  H N N 157 
# 
loop_
_chem_comp_bond.comp_id 
_chem_comp_bond.atom_id_1 
_chem_comp_bond.atom_id_2 
_chem_comp_bond.value_order 
_chem_comp_bond.pdbx_aromatic_flag 
_chem_comp_bond.pdbx_stereo_config 
_chem_comp_bond.pdbx_ordinal 
AIB N   CA   sing N N 1   
AIB N   H    sing N N 2   
AIB N   H2   sing N N 3   
AIB CA  C    sing N N 4   
AIB CA  CB1  sing N N 5   
AIB CA  CB2  sing N N 6   
AIB C   O    doub N N 7   
AIB C   OXT  sing N N 8   
AIB OXT HXT  sing N N 9   
AIB CB1 HB11 sing N N 10  
AIB CB1 HB12 sing N N 11  
AIB CB1 HB13 sing N N 12  
AIB CB2 HB21 sing N N 13  
AIB CB2 HB22 sing N N 14  
AIB CB2 HB23 sing N N 15  
ALA N   CA   sing N N 16  
ALA N   H    sing N N 17  
ALA N   H2   sing N N 18  
ALA CA  C    sing N N 19  
ALA CA  CB   sing N N 20  
ALA CA  HA   sing N N 21  
ALA C   O    doub N N 22  
ALA C   OXT  sing N N 23  
ALA CB  HB1  sing N N 24  
ALA CB  HB2  sing N N 25  
ALA CB  HB3  sing N N 26  
ALA OXT HXT  sing N N 27  
ASP N   CA   sing N N 28  
ASP N   H    sing N N 29  
ASP N   H2   sing N N 30  
ASP CA  C    sing N N 31  
ASP CA  CB   sing N N 32  
ASP CA  HA   sing N N 33  
ASP C   O    doub N N 34  
ASP C   OXT  sing N N 35  
ASP CB  CG   sing N N 36  
ASP CB  HB2  sing N N 37  
ASP CB  HB3  sing N N 38  
ASP CG  OD1  doub N N 39  
ASP CG  OD2  sing N N 40  
ASP OD2 HD2  sing N N 41  
ASP OXT HXT  sing N N 42  
CCN N   C1   trip N N 43  
CCN C1  C2   sing N N 44  
CCN C2  H21  sing N N 45  
CCN C2  H22  sing N N 46  
CCN C2  H23  sing N N 47  
GLN N   CA   sing N N 48  
GLN N   H    sing N N 49  
GLN N   H2   sing N N 50  
GLN CA  C    sing N N 51  
GLN CA  CB   sing N N 52  
GLN CA  HA   sing N N 53  
GLN C   O    doub N N 54  
GLN C   OXT  sing N N 55  
GLN CB  CG   sing N N 56  
GLN CB  HB2  sing N N 57  
GLN CB  HB3  sing N N 58  
GLN CG  CD   sing N N 59  
GLN CG  HG2  sing N N 60  
GLN CG  HG3  sing N N 61  
GLN CD  OE1  doub N N 62  
GLN CD  NE2  sing N N 63  
GLN NE2 HE21 sing N N 64  
GLN NE2 HE22 sing N N 65  
GLN OXT HXT  sing N N 66  
HOH O   H1   sing N N 67  
HOH O   H2   sing N N 68  
I6W O01 C02  doub N N 69  
I6W C02 C03  sing N N 70  
I6W C03 C06  doub Y N 71  
I6W C03 C04  sing Y N 72  
I6W C06 N07  sing Y N 73  
I6W C04 C05  doub Y N 74  
I6W N07 C08  doub Y N 75  
I6W C05 C08  sing Y N 76  
I6W C08 C09  sing N N 77  
I6W C09 C19  doub Y N 78  
I6W C09 N10  sing Y N 79  
I6W C19 C18  sing Y N 80  
I6W N10 C11  doub Y N 81  
I6W C18 C12  doub Y N 82  
I6W C11 C12  sing Y N 83  
I6W C12 C13  sing N N 84  
I6W C13 O17  doub N N 85  
I6W C13 O14  sing N N 86  
I6W O14 C15  sing N N 87  
I6W C15 C16  sing N N 88  
I6W C05 H051 sing N N 89  
I6W C02 H1   sing N N 90  
I6W C04 H041 sing N N 91  
I6W C06 H061 sing N N 92  
I6W C11 H111 sing N N 93  
I6W C15 H152 sing N N 94  
I6W C15 H151 sing N N 95  
I6W C16 H162 sing N N 96  
I6W C16 H163 sing N N 97  
I6W C16 H161 sing N N 98  
I6W C18 H181 sing N N 99  
I6W C19 H191 sing N N 100 
I77 N15 N14  sing N N 101 
I77 O16 C13  doub N N 102 
I77 N14 C13  sing N N 103 
I77 C13 C12  sing N N 104 
I77 C12 C17  doub Y N 105 
I77 C12 C11  sing Y N 106 
I77 C17 C18  sing Y N 107 
I77 C11 N10  doub Y N 108 
I77 C18 C09  doub Y N 109 
I77 N10 C09  sing Y N 110 
I77 C09 C08  sing N N 111 
I77 C08 N07  doub Y N 112 
I77 C08 C05  sing Y N 113 
I77 N07 C06  sing Y N 114 
I77 C05 C04  doub Y N 115 
I77 C06 C03  doub Y N 116 
I77 C04 C03  sing Y N 117 
I77 C03 C02  sing N N 118 
I77 C02 N01  sing N N 119 
I77 C02 O19  doub N N 120 
I77 C11 H111 sing N N 121 
I77 C17 H171 sing N N 122 
I77 C18 H181 sing N N 123 
I77 C04 H041 sing N N 124 
I77 C05 H051 sing N N 125 
I77 C06 H061 sing N N 126 
I77 N01 H011 sing N N 127 
I77 N01 H012 sing N N 128 
I77 N14 H141 sing N N 129 
I77 N15 H1   sing N N 130 
I77 N15 H2   sing N N 131 
LEU N   CA   sing N N 132 
LEU N   H    sing N N 133 
LEU N   H2   sing N N 134 
LEU CA  C    sing N N 135 
LEU CA  CB   sing N N 136 
LEU CA  HA   sing N N 137 
LEU C   O    doub N N 138 
LEU C   OXT  sing N N 139 
LEU CB  CG   sing N N 140 
LEU CB  HB2  sing N N 141 
LEU CB  HB3  sing N N 142 
LEU CG  CD1  sing N N 143 
LEU CG  CD2  sing N N 144 
LEU CG  HG   sing N N 145 
LEU CD1 HD11 sing N N 146 
LEU CD1 HD12 sing N N 147 
LEU CD1 HD13 sing N N 148 
LEU CD2 HD21 sing N N 149 
LEU CD2 HD22 sing N N 150 
LEU CD2 HD23 sing N N 151 
LEU OXT HXT  sing N N 152 
# 
_pdbx_audit_support.funding_organization   'Department of Energy (DOE, United States)' 
_pdbx_audit_support.country                ? 
_pdbx_audit_support.grant_number           DE-AC02-06CH11357 
_pdbx_audit_support.ordinal                1 
# 
_pdbx_initial_refinement_model.id               1 
_pdbx_initial_refinement_model.entity_id_list   ? 
_pdbx_initial_refinement_model.type             'experimental model' 
_pdbx_initial_refinement_model.source_name      PDB 
_pdbx_initial_refinement_model.accession_code   7TLS 
_pdbx_initial_refinement_model.details          ? 
# 
_space_group.name_H-M_alt     'P 1 21 1' 
_space_group.name_Hall        'P 2yb' 
_space_group.IT_number        4 
_space_group.crystal_system   monoclinic 
_space_group.id               1 
# 
_atom_sites.entry_id                    7TME 
_atom_sites.Cartn_transf_matrix[1][1]   ? 
_atom_sites.Cartn_transf_matrix[1][2]   ? 
_atom_sites.Cartn_transf_matrix[1][3]   ? 
_atom_sites.Cartn_transf_matrix[2][1]   ? 
_atom_sites.Cartn_transf_matrix[2][2]   ? 
_atom_sites.Cartn_transf_matrix[2][3]   ? 
_atom_sites.Cartn_transf_matrix[3][1]   ? 
_atom_sites.Cartn_transf_matrix[3][2]   ? 
_atom_sites.Cartn_transf_matrix[3][3]   ? 
_atom_sites.Cartn_transf_vector[1]      ? 
_atom_sites.Cartn_transf_vector[2]      ? 
_atom_sites.Cartn_transf_vector[3]      ? 
_atom_sites.fract_transf_matrix[1][1]   -0.05357903 
_atom_sites.fract_transf_matrix[1][2]   0.03537972 
_atom_sites.fract_transf_matrix[1][3]   -0.03802946 
_atom_sites.fract_transf_matrix[2][1]   0.04780489 
_atom_sites.fract_transf_matrix[2][2]   0.01356251 
_atom_sites.fract_transf_matrix[2][3]   -0.05473394 
_atom_sites.fract_transf_matrix[3][1]   -0.01324713 
_atom_sites.fract_transf_matrix[3][2]   -0.02827787 
_atom_sites.fract_transf_matrix[3][3]   -0.01857708 
_atom_sites.fract_transf_vector[1]      -0.397628 
_atom_sites.fract_transf_vector[2]      0.237644 
_atom_sites.fract_transf_vector[3]      -0.172397 
_atom_sites.solution_primary            ? 
_atom_sites.solution_secondary          ? 
_atom_sites.solution_hydrogens          ? 
_atom_sites.special_details             ? 
# 
loop_
_atom_type.symbol 
_atom_type.scat_dispersion_real 
_atom_type.scat_dispersion_imag 
_atom_type.scat_Cromer_Mann_a1 
_atom_type.scat_Cromer_Mann_a2 
_atom_type.scat_Cromer_Mann_a3 
_atom_type.scat_Cromer_Mann_a4 
_atom_type.scat_Cromer_Mann_b1 
_atom_type.scat_Cromer_Mann_b2 
_atom_type.scat_Cromer_Mann_b3 
_atom_type.scat_Cromer_Mann_b4 
_atom_type.scat_Cromer_Mann_c 
_atom_type.scat_source 
_atom_type.scat_dispersion_source 
C ? ? 2.51340 1.74867 1.72398 ? 31.80534 0.44561  10.58317 ? 0.0 
;3-Gaussian fit: Grosse-Kunstleve RW, Sauter NK, Adams PD: Newsletter of the IUCr Commission on Crystallographic Computing 2004, 3, 22-31.
;
? 
H ? ? 0.53795 0.34799 0.11320 ? 10.08003 29.74760 2.57510  ? 0.0 
;3-Gaussian fit: Grosse-Kunstleve RW, Sauter NK, Adams PD: Newsletter of the IUCr Commission on Crystallographic Computing 2004, 3, 22-31.
;
? 
N ? ? 2.99955 2.25584 1.72788 ? 23.27268 7.45433  0.31622  ? 0.0 
;3-Gaussian fit: Grosse-Kunstleve RW, Sauter NK, Adams PD: Newsletter of the IUCr Commission on Crystallographic Computing 2004, 3, 22-31.
;
? 
O ? ? 3.21184 3.04156 1.73156 ? 18.83700 5.90590  0.24126  ? 0.0 
;3-Gaussian fit: Grosse-Kunstleve RW, Sauter NK, Adams PD: Newsletter of the IUCr Commission on Crystallographic Computing 2004, 3, 22-31.
;
? 
# 
loop_
_atom_site.group_PDB 
_atom_site.id 
_atom_site.type_symbol 
_atom_site.label_atom_id 
_atom_site.label_alt_id 
_atom_site.label_comp_id 
_atom_site.label_asym_id 
_atom_site.label_entity_id 
_atom_site.label_seq_id 
_atom_site.pdbx_PDB_ins_code 
_atom_site.Cartn_x 
_atom_site.Cartn_y 
_atom_site.Cartn_z 
_atom_site.occupancy 
_atom_site.B_iso_or_equiv 
_atom_site.pdbx_formal_charge 
_atom_site.auth_seq_id 
_atom_site.auth_comp_id 
_atom_site.auth_asym_id 
_atom_site.auth_atom_id 
_atom_site.pdbx_PDB_model_num 
HETATM 1   C C05  A I6W A 1 1  ? 8.40980  3.28758  1.75500  0.318 10.53992 ? 1   I6W A C05  1 
HETATM 2   C C05  B I6W A 1 1  ? 8.89846  2.59521  1.82307  0.682 5.35635  ? 1   I6W A C05  1 
HETATM 3   C C08  A I6W A 1 1  ? 9.44481  2.66935  2.38742  0.318 10.73174 ? 1   I6W A C08  1 
HETATM 4   C C08  B I6W A 1 1  ? 9.88573  1.91930  2.44668  0.682 5.39074  ? 1   I6W A C08  1 
HETATM 5   C C09  A I6W A 1 1  ? 10.34445 3.47209  3.30913  0.318 11.45288 ? 1   I6W A C09  1 
HETATM 6   C C09  B I6W A 1 1  ? 10.77058 2.70852  3.37918  0.682 6.45615  ? 1   I6W A C09  1 
HETATM 7   N N10  A I6W A 1 1  ? 10.14711 4.75898  3.43536  0.318 12.11993 ? 1   I6W A N10  1 
HETATM 8   N N10  B I6W A 1 1  ? 10.56604 3.99622  3.57749  0.682 7.77588  ? 1   I6W A N10  1 
HETATM 9   C C02  A I6W A 1 1  ? 6.93224  0.34156  -0.11006 0.318 7.95353  ? 1   I6W A C02  1 
HETATM 10  C C02  B I6W A 1 1  ? 7.19687  -0.13296 -0.05950 0.682 3.82650  ? 1   I6W A C02  1 
HETATM 11  C C03  A I6W A 1 1  ? 7.84101  1.18883  0.79211  0.318 9.29433  ? 1   I6W A C03  1 
HETATM 12  C C03  B I6W A 1 1  ? 8.22156  0.54928  0.83435  0.682 4.07464  ? 1   I6W A C03  1 
HETATM 13  C C04  A I6W A 1 1  ? 7.57204  2.53772  0.92102  0.318 10.04239 ? 1   I6W A C04  1 
HETATM 14  C C04  B I6W A 1 1  ? 8.03549  1.90418  0.97895  0.682 4.88412  ? 1   I6W A C04  1 
HETATM 15  C C06  A I6W A 1 1  ? 8.89978  0.62113  1.46330  0.318 9.88803  ? 1   I6W A C06  1 
HETATM 16  C C06  B I6W A 1 1  ? 9.24459  -0.11013 1.49387  0.682 4.44797  ? 1   I6W A C06  1 
HETATM 17  C C11  A I6W A 1 1  ? 10.88896 5.50274  4.23012  0.318 12.29354 ? 1   I6W A C11  1 
HETATM 18  C C11  B I6W A 1 1  ? 11.30443 4.70655  4.40877  0.682 8.11360  ? 1   I6W A C11  1 
HETATM 19  C C12  A I6W A 1 1  ? 11.89895 4.92831  4.98214  0.318 12.29932 ? 1   I6W A C12  1 
HETATM 20  C C12  B I6W A 1 1  ? 12.31507 4.08168  5.11400  0.682 8.43387  ? 1   I6W A C12  1 
HETATM 21  C C13  A I6W A 1 1  ? 12.77803 5.80262  5.93335  0.318 12.96361 ? 1   I6W A C13  1 
HETATM 22  C C13  B I6W A 1 1  ? 13.19543 4.87713  6.10191  0.682 9.56304  ? 1   I6W A C13  1 
HETATM 23  C C15  A I6W A 1 1  ? 14.13209 5.62925  7.93345  0.318 14.20610 ? 1   I6W A C15  1 
HETATM 24  C C15  B I6W A 1 1  ? 13.56492 7.07595  7.18912  0.682 11.74035 ? 1   I6W A C15  1 
HETATM 25  C C16  A I6W A 1 1  ? 15.30606 4.80295  8.50481  0.318 14.25381 ? 1   I6W A C16  1 
HETATM 26  C C16  B I6W A 1 1  ? 14.73832 6.41511  7.95843  0.682 12.81254 ? 1   I6W A C16  1 
HETATM 27  C C18  A I6W A 1 1  ? 12.12904 3.57926  4.88821  0.318 11.99264 ? 1   I6W A C18  1 
HETATM 28  C C18  B I6W A 1 1  ? 12.55011 2.74590  4.94593  0.682 8.23073  ? 1   I6W A C18  1 
HETATM 29  C C19  A I6W A 1 1  ? 11.32365 2.83084  4.03289  0.318 11.59941 ? 1   I6W A C19  1 
HETATM 30  C C19  B I6W A 1 1  ? 11.75325 2.04281  4.06193  0.682 7.25957  ? 1   I6W A C19  1 
HETATM 31  N N07  A I6W A 1 1  ? 9.66306  1.36965  2.24364  0.318 10.58335 ? 1   I6W A N07  1 
HETATM 32  N N07  B I6W A 1 1  ? 10.05355 0.59158  2.29872  0.682 5.18921  ? 1   I6W A N07  1 
HETATM 33  O O01  A I6W A 1 1  ? 5.78382  0.68394  -0.21822 0.318 7.75559  ? 1   I6W A O01  1 
HETATM 34  O O01  B I6W A 1 1  ? 6.17517  0.45258  -0.33120 0.682 4.40263  ? 1   I6W A O01  1 
HETATM 35  O O14  A I6W A 1 1  ? 13.89429 5.19959  6.58367  0.318 13.86366 ? 1   I6W A O14  1 
HETATM 36  O O14  B I6W A 1 1  ? 12.94948 6.26766  6.16541  0.682 10.63960 ? 1   I6W A O14  1 
HETATM 37  O O17  A I6W A 1 1  ? 12.52233 6.93727  6.09561  0.318 13.23093 ? 1   I6W A O17  1 
HETATM 38  O O17  B I6W A 1 1  ? 13.99614 4.30847  6.74051  0.682 10.00836 ? 1   I6W A O17  1 
HETATM 39  H H051 A I6W A 1 1  ? 8.23924  4.33270  1.89377  0.318 12.65769 ? 1   I6W A H051 1 
HETATM 40  H H051 B I6W A 1 1  ? 8.78153  3.64577  1.97563  0.682 6.43741  ? 1   I6W A H051 1 
HETATM 41  H H041 A I6W A 1 1  ? 6.71541  3.01305  0.37821  0.318 12.06066 ? 1   I6W A H041 1 
HETATM 42  H H041 B I6W A 1 1  ? 7.21373  2.43455  0.43322  0.682 5.87074  ? 1   I6W A H041 1 
HETATM 43  H H061 A I6W A 1 1  ? 9.10825  -0.43892 1.35264  0.318 11.87542 ? 1   I6W A H061 1 
HETATM 44  H H061 B I6W A 1 1  ? 9.38854  -1.17828 1.36075  0.682 5.34736  ? 1   I6W A H061 1 
HETATM 45  H H111 A I6W A 1 1  ? 10.71091 6.55078  4.29444  0.318 14.76204 ? 1   I6W A H111 1 
HETATM 46  H H111 B I6W A 1 1  ? 11.12386 5.74854  4.53474  0.682 9.74611  ? 1   I6W A H111 1 
HETATM 47  H H152 A I6W A 1 1  ? 14.38744 6.68167  7.94253  0.318 17.05711 ? 1   I6W A H152 1 
HETATM 48  H H152 B I6W A 1 1  ? 13.94226 7.97556  6.71878  0.682 14.09821 ? 1   I6W A H152 1 
HETATM 49  H H151 A I6W A 1 1  ? 13.24423 5.46456  8.53134  0.318 17.05711 ? 1   I6W A H151 1 
HETATM 50  H H151 B I6W A 1 1  ? 12.80022 7.33539  7.91080  0.682 14.09821 ? 1   I6W A H151 1 
HETATM 51  H H162 A I6W A 1 1  ? 14.90791 3.93831  9.06794  0.318 17.11436 ? 1   I6W A H162 1 
HETATM 52  H H162 B I6W A 1 1  ? 15.26676 7.18280  8.55396  0.682 15.38484 ? 1   I6W A H162 1 
HETATM 53  H H163 A I6W A 1 1  ? 15.90858 5.43803  9.18074  0.318 17.11436 ? 1   I6W A H163 1 
HETATM 54  H H163 B I6W A 1 1  ? 15.44138 5.95921  7.23656  0.682 15.38484 ? 1   I6W A H163 1 
HETATM 55  H H161 A I6W A 1 1  ? 15.94075 4.44194  7.67409  0.318 17.11436 ? 1   I6W A H161 1 
HETATM 56  H H161 B I6W A 1 1  ? 14.34232 5.63281  8.63254  0.682 15.38484 ? 1   I6W A H161 1 
HETATM 57  H H181 A I6W A 1 1  ? 12.92105 3.10434  5.46723  0.318 14.40096 ? 1   I6W A H181 1 
HETATM 58  H H181 B I6W A 1 1  ? 13.34724 2.24548  5.49573  0.682 9.88666  ? 1   I6W A H181 1 
HETATM 59  H H191 A I6W A 1 1  ? 11.46653 1.75639  3.93860  0.318 13.92908 ? 1   I6W A H191 1 
HETATM 60  H H191 B I6W A 1 1  ? 11.90471 0.97604  3.91092  0.682 8.72127  ? 1   I6W A H191 1 
ATOM   61  N N    A LEU A 1 2  ? 7.32676  -1.01110 -0.36239 0.418 6.59974  ? 2   LEU A N    1 
ATOM   62  N N    B LEU A 1 2  ? 7.44842  -1.47184 -0.45466 0.582 3.56756  ? 2   LEU A N    1 
ATOM   63  C CA   A LEU A 1 2  ? 6.38651  -1.77151 -1.17111 0.418 6.09996  ? 2   LEU A CA   1 
ATOM   64  C CA   B LEU A 1 2  ? 6.37479  -2.02916 -1.24319 0.582 3.71322  ? 2   LEU A CA   1 
ATOM   65  C C    A LEU A 1 2  ? 5.06512  -1.97960 -0.43558 0.418 5.22136  ? 2   LEU A C    1 
ATOM   66  C C    B LEU A 1 2  ? 5.05879  -2.05923 -0.45789 0.582 4.15470  ? 2   LEU A C    1 
ATOM   67  O O    A LEU A 1 2  ? 3.99886  -1.78056 -1.01390 0.418 5.22206  ? 2   LEU A O    1 
ATOM   68  O O    B LEU A 1 2  ? 3.99359  -1.79574 -1.01945 0.582 4.34699  ? 2   LEU A O    1 
ATOM   69  C CB   A LEU A 1 2  ? 6.98488  -3.12244 -1.55674 0.418 6.55742  ? 2   LEU A CB   1 
ATOM   70  C CB   B LEU A 1 2  ? 6.77560  -3.42901 -1.72112 0.582 3.87262  ? 2   LEU A CB   1 
ATOM   71  C CG   A LEU A 1 2  ? 6.06741  -4.00618 -2.40129 0.418 7.28195  ? 2   LEU A CG   1 
ATOM   72  C CG   B LEU A 1 2  ? 5.72575  -4.15728 -2.55927 0.582 4.54287  ? 2   LEU A CG   1 
ATOM   73  C CD1  A LEU A 1 2  ? 5.66292  -3.28456 -3.68197 0.418 7.82559  ? 2   LEU A CD1  1 
ATOM   74  C CD1  B LEU A 1 2  ? 5.32768  -3.38100 -3.80028 0.582 5.37632  ? 2   LEU A CD1  1 
ATOM   75  C CD2  A LEU A 1 2  ? 6.73059  -5.33676 -2.71783 0.418 7.63351  ? 2   LEU A CD2  1 
ATOM   76  C CD2  B LEU A 1 2  ? 6.27471  -5.52725 -2.93147 0.582 4.96370  ? 2   LEU A CD2  1 
ATOM   77  H HA   A LEU A 1 2  ? 6.20213  -1.27609 -1.98441 0.418 7.32975  ? 2   LEU A HA   1 
ATOM   78  H HA   B LEU A 1 2  ? 6.21327  -1.47692 -2.02411 0.582 4.46565  ? 2   LEU A HA   1 
ATOM   79  H HB2  A LEU A 1 2  ? 7.79397  -2.96612 -2.06845 0.418 7.87869  ? 2   LEU A HB2  1 
ATOM   80  H HB2  B LEU A 1 2  ? 7.57578  -3.34895 -2.26354 0.582 4.65694  ? 2   LEU A HB2  1 
ATOM   81  H HB3  A LEU A 1 2  ? 7.19490  -3.60939 -0.74454 0.418 7.87869  ? 2   LEU A HB3  1 
ATOM   82  H HB3  B LEU A 1 2  ? 6.95659  -3.97750 -0.94182 0.582 4.65694  ? 2   LEU A HB3  1 
ATOM   83  H HG   A LEU A 1 2  ? 5.26248  -4.19466 -1.89387 0.418 8.74813  ? 2   LEU A HG   1 
ATOM   84  H HG   B LEU A 1 2  ? 4.91340  -4.25275 -2.03785 0.582 5.46124  ? 2   LEU A HG   1 
ATOM   85  H HD11 A LEU A 1 2  ? 5.21287  -3.91184 -4.26923 0.418 9.40049  ? 2   LEU A HD11 1 
ATOM   86  H HD11 B LEU A 1 2  ? 4.68040  -3.89971 -4.30315 0.582 6.46137  ? 2   LEU A HD11 1 
ATOM   87  H HD12 A LEU A 1 2  ? 5.06523  -2.55425 -3.45765 0.418 9.40049  ? 2   LEU A HD12 1 
ATOM   88  H HD12 B LEU A 1 2  ? 4.93666  -2.53493 -3.53165 0.582 6.46137  ? 2   LEU A HD12 1 
ATOM   89  H HD13 A LEU A 1 2  ? 6.45930  -2.93917 -4.11485 0.418 9.40049  ? 2   LEU A HD13 1 
ATOM   90  H HD13 B LEU A 1 2  ? 6.11737  -3.22353 -4.34112 0.582 6.46137  ? 2   LEU A HD13 1 
ATOM   91  H HD21 A LEU A 1 2  ? 6.10446  -5.89325 -3.20690 0.418 9.17000  ? 2   LEU A HD21 1 
ATOM   92  H HD21 B LEU A 1 2  ? 5.61503  -5.99753 -3.46491 0.582 5.96623  ? 2   LEU A HD21 1 
ATOM   93  H HD22 A LEU A 1 2  ? 7.52072  -5.17547 -3.25687 0.418 9.17000  ? 2   LEU A HD22 1 
ATOM   94  H HD22 B LEU A 1 2  ? 7.09161  -5.41215 -3.44170 0.582 5.96623  ? 2   LEU A HD22 1 
ATOM   95  H HD23 A LEU A 1 2  ? 6.97993  -5.77090 -1.88702 0.418 9.17000  ? 2   LEU A HD23 1 
ATOM   96  H HD23 B LEU A 1 2  ? 6.45921  -6.02479 -2.11950 0.582 5.96623  ? 2   LEU A HD23 1 
HETATM 97  N N    . AIB A 1 3  ? 5.12915  -2.38224 0.83134  1.000 4.49806  ? 3   AIB A N    1 
HETATM 98  C CA   . AIB A 1 3  ? 3.91683  -2.53860 1.62199  1.000 4.64109  ? 3   AIB A CA   1 
HETATM 99  C C    . AIB A 1 3  ? 3.05976  -1.26290 1.55280  1.000 4.34774  ? 3   AIB A C    1 
HETATM 100 O O    . AIB A 1 3  ? 1.85353  -1.30060 1.31243  1.000 4.69993  ? 3   AIB A O    1 
HETATM 101 C CB1  . AIB A 1 3  ? 3.10875  -3.74177 1.10638  1.000 5.30145  ? 3   AIB A CB1  1 
HETATM 102 C CB2  . AIB A 1 3  ? 4.28394  -2.77990 3.08368  1.000 5.19480  ? 3   AIB A CB2  1 
HETATM 103 H H    . AIB A 1 3  ? 5.90067  -2.85459 1.25987  1.000 5.40746  ? 3   AIB A H    1 
HETATM 104 H HB11 . AIB A 1 3  ? 2.24683  -3.93626 1.78809  1.000 6.37153  ? 3   AIB A HB11 1 
HETATM 105 H HB12 . AIB A 1 3  ? 2.72494  -3.52579 0.08096  1.000 6.37153  ? 3   AIB A HB12 1 
HETATM 106 H HB13 . AIB A 1 3  ? 3.76136  -4.64641 1.07164  1.000 6.37153  ? 3   AIB A HB13 1 
HETATM 107 H HB21 . AIB A 1 3  ? 3.37735  -2.62571 3.71772  1.000 6.24355  ? 3   AIB A HB21 1 
HETATM 108 H HB22 . AIB A 1 3  ? 4.65415  -3.82748 3.19866  1.000 6.24355  ? 3   AIB A HB22 1 
HETATM 109 H HB23 . AIB A 1 3  ? 5.08353  -2.05952 3.38267  1.000 6.24355  ? 3   AIB A HB23 1 
ATOM   110 N N    . ALA A 1 4  ? 3.69410  -0.11155 1.76209  1.000 4.68142  ? 4   ALA A N    1 
ATOM   111 C CA   . ALA A 1 4  ? 2.95649  1.14773  1.71580  1.000 5.23942  ? 4   ALA A CA   1 
ATOM   112 C C    . ALA A 1 4  ? 2.30992  1.36587  0.34610  1.000 4.84811  ? 4   ALA A C    1 
ATOM   113 O O    . ALA A 1 4  ? 1.20283  1.90960  0.24685  1.000 5.61793  ? 4   ALA A O    1 
ATOM   114 C CB   . ALA A 1 4  ? 3.87874  2.30868  2.05276  1.000 6.63659  ? 4   ALA A CB   1 
ATOM   115 H H    . ALA A 1 4  ? 4.53418  -0.03497 1.92943  1.000 5.62749  ? 4   ALA A H    1 
ATOM   116 H HA   . ALA A 1 4  ? 2.24742  1.11711  2.37701  1.000 6.29709  ? 4   ALA A HA   1 
ATOM   117 H HB1  . ALA A 1 4  ? 3.37240  3.13521  2.01592  1.000 7.97369  ? 4   ALA A HB1  1 
ATOM   118 H HB2  . ALA A 1 4  ? 4.23623  2.17928  2.94515  1.000 7.97369  ? 4   ALA A HB2  1 
ATOM   119 H HB3  . ALA A 1 4  ? 4.60224  2.33493  1.40720  1.000 7.97369  ? 4   ALA A HB3  1 
ATOM   120 N N    A ASP A 1 5  ? 3.03575  0.93296  -0.69733 0.662 4.49328  ? 5   ASP A N    1 
ATOM   121 N N    B ASP A 1 5  ? 2.98434  0.96034  -0.72806 0.338 5.06681  ? 5   ASP A N    1 
ATOM   122 C CA   A ASP A 1 5  ? 2.56405  1.05937  -2.07461 0.662 4.38400  ? 5   ASP A CA   1 
ATOM   123 C CA   B ASP A 1 5  ? 2.41327  1.16722  -2.05383 0.338 5.50622  ? 5   ASP A CA   1 
ATOM   124 C C    A ASP A 1 5  ? 1.28099  0.26664  -2.30897 0.662 3.84300  ? 5   ASP A C    1 
ATOM   125 C C    B ASP A 1 5  ? 1.26895  0.21283  -2.36504 0.338 4.62422  ? 5   ASP A C    1 
ATOM   126 O O    A ASP A 1 5  ? 0.49351  0.62759  -3.19566 0.662 4.01147  ? 5   ASP A O    1 
ATOM   127 O O    B ASP A 1 5  ? 0.56634  0.42067  -3.36384 0.338 4.70826  ? 5   ASP A O    1 
ATOM   128 C CB   A ASP A 1 5  ? 3.62353  0.55071  -3.07305 0.662 4.57710  ? 5   ASP A CB   1 
ATOM   129 C CB   B ASP A 1 5  ? 3.48785  1.02065  -3.12248 0.338 6.90233  ? 5   ASP A CB   1 
ATOM   130 C CG   A ASP A 1 5  ? 4.92993  1.35161  -3.06513 0.662 5.15321  ? 5   ASP A CG   1 
ATOM   131 C CG   B ASP A 1 5  ? 4.57765  2.05738  -3.00299 0.338 8.54706  ? 5   ASP A CG   1 
ATOM   132 O OD1  A ASP A 1 5  ? 4.97300  2.50157  -2.57810 0.662 6.07863  ? 5   ASP A OD1  1 
ATOM   133 O OD1  B ASP A 1 5  ? 4.38365  3.07509  -2.30228 0.338 9.00138  ? 5   ASP A OD1  1 
ATOM   134 O OD2  A ASP A 1 5  ? 5.93610  0.78033  -3.57058 0.662 5.65374  ? 5   ASP A OD2  1 
ATOM   135 O OD2  B ASP A 1 5  ? 5.64219  1.84521  -3.61640 0.338 9.37681  ? 5   ASP A OD2  1 
ATOM   136 H H    A ASP A 1 5  ? 3.80822  0.56103  -0.62982 0.662 5.40173  ? 5   ASP A H    1 
ATOM   137 H H    B ASP A 1 5  ? 3.75253  0.57392  -0.71508 0.338 6.08997  ? 5   ASP A H    1 
ATOM   138 H HA   A ASP A 1 5  ? 2.40329  2.00237  -2.23525 0.662 5.27059  ? 5   ASP A HA   1 
ATOM   139 H HA   B ASP A 1 5  ? 2.06929  2.07337  -2.09210 0.338 6.61726  ? 5   ASP A HA   1 
ATOM   140 H HB2  A ASP A 1 5  ? 3.84124  -0.36864 -2.85329 0.662 5.50231  ? 5   ASP A HB2  1 
ATOM   141 H HB2  B ASP A 1 5  ? 3.89707  0.14500  -3.04085 0.338 8.29259  ? 5   ASP A HB2  1 
ATOM   142 H HB3  A ASP A 1 5  ? 3.25463  0.59926  -3.96885 0.662 5.50231  ? 5   ASP A HB3  1 
ATOM   143 H HB3  B ASP A 1 5  ? 3.07871  1.11544  -3.99685 0.338 8.29259  ? 5   ASP A HB3  1 
ATOM   144 N N    . LEU A 1 6  ? 1.07895  -0.82850 -1.56344 1.000 4.00160  ? 6   LEU A N    1 
ATOM   145 C CA   . LEU A 1 6  ? -0.12105 -1.64594 -1.69107 1.000 4.15999  ? 6   LEU A CA   1 
ATOM   146 C C    . LEU A 1 6  ? -1.21375 -1.20040 -0.70409 1.000 4.15606  ? 6   LEU A C    1 
ATOM   147 O O    . LEU A 1 6  ? -2.38669 -1.05739 -1.09027 1.000 4.49859  ? 6   LEU A O    1 
ATOM   148 C CB   . LEU A 1 6  ? 0.21121  -3.12815 -1.50345 1.000 4.93167  ? 6   LEU A CB   1 
ATOM   149 C CG   . LEU A 1 6  ? 1.24988  -3.67864 -2.48847 1.000 5.93156  ? 6   LEU A CG   1 
ATOM   150 C CD1  . LEU A 1 6  ? 1.45691  -5.16719 -2.25663 1.000 7.07492  ? 6   LEU A CD1  1 
ATOM   151 C CD2  . LEU A 1 6  ? 0.84042  -3.42523 -3.93097 1.000 6.78530  ? 6   LEU A CD2  1 
ATOM   152 H H    A LEU A 1 6  ? 1.63197  -1.11728 -0.97151 0.662 4.81171  ? 6   LEU A H    1 
ATOM   153 H H    B LEU A 1 6  ? 1.62267  -1.07905 -0.94602 0.338 4.81171  ? 6   LEU A H    1 
ATOM   154 H HA   . LEU A 1 6  ? -0.47975 -1.53763 -2.58577 1.000 5.00177  ? 6   LEU A HA   1 
ATOM   155 H HB2  . LEU A 1 6  ? 0.56089  -3.25437 -0.60752 1.000 5.92780  ? 6   LEU A HB2  1 
ATOM   156 H HB3  . LEU A 1 6  ? -0.60289 -3.64309 -1.61743 1.000 5.92780  ? 6   LEU A HB3  1 
ATOM   157 H HG   . LEU A 1 6  ? 2.08933  -3.21676 -2.33719 1.000 7.12767  ? 6   LEU A HG   1 
ATOM   158 H HD11 . LEU A 1 6  ? 2.13957  -5.48970 -2.86561 1.000 8.49970  ? 6   LEU A HD11 1 
ATOM   159 H HD12 . LEU A 1 6  ? 1.73892  -5.30769 -1.33922 1.000 8.49970  ? 6   LEU A HD12 1 
ATOM   160 H HD13 . LEU A 1 6  ? 0.62123  -5.63157 -2.42061 1.000 8.49970  ? 6   LEU A HD13 1 
ATOM   161 H HD21 . LEU A 1 6  ? 1.45213  -3.89414 -4.51990 1.000 8.15215  ? 6   LEU A HD21 1 
ATOM   162 H HD22 . LEU A 1 6  ? -0.06314 -3.75167 -4.06476 1.000 8.15215  ? 6   LEU A HD22 1 
ATOM   163 H HD23 . LEU A 1 6  ? 0.87721  -2.47203 -4.10689 1.000 8.15215  ? 6   LEU A HD23 1 
HETATM 164 N N    . AIB A 1 7  ? -0.80768 -0.98704 0.55302  1.000 4.42568  ? 7   AIB A N    1 
HETATM 165 C CA   . AIB A 1 7  ? -1.70571 -0.64800 1.64556  1.000 4.69208  ? 7   AIB A CA   1 
HETATM 166 C C    . AIB A 1 7  ? -2.50505 0.64174  1.38188  1.000 4.12371  ? 7   AIB A C    1 
HETATM 167 O O    . AIB A 1 7  ? -3.56018 0.87841  1.97414  1.000 4.36071  ? 7   AIB A O    1 
HETATM 168 C CB1  . AIB A 1 7  ? -2.69785 -1.78720 1.91949  1.000 5.47530  ? 7   AIB A CB1  1 
HETATM 169 C CB2  . AIB A 1 7  ? -0.88194 -0.39354 2.91527  1.000 5.40168  ? 7   AIB A CB2  1 
HETATM 170 H H    . AIB A 1 7  ? 0.03741  -1.36599 0.93281  1.000 5.32060  ? 7   AIB A H    1 
HETATM 171 H HB11 . AIB A 1 7  ? -3.30493 -1.54804 2.82487  1.000 6.58015  ? 7   AIB A HB11 1 
HETATM 172 H HB12 . AIB A 1 7  ? -3.37789 -1.91283 1.04358  1.000 6.58015  ? 7   AIB A HB12 1 
HETATM 173 H HB13 . AIB A 1 7  ? -2.14039 -2.73858 2.09149  1.000 6.58015  ? 7   AIB A HB13 1 
HETATM 174 H HB21 . AIB A 1 7  ? -1.57694 -0.21569 3.77145  1.000 6.49180  ? 7   AIB A HB21 1 
HETATM 175 H HB22 . AIB A 1 7  ? -0.24526 -1.28767 3.12230  1.000 6.49180  ? 7   AIB A HB22 1 
HETATM 176 H HB23 . AIB A 1 7  ? -0.23627 0.50416  2.75737  1.000 6.49180  ? 7   AIB A HB23 1 
ATOM   177 N N    . GLN A 1 8  ? -1.99473 1.49102  0.48121  1.000 3.85859  ? 8   GLN A N    1 
ATOM   178 C CA   . GLN A 1 8  ? -2.70919 2.71420  0.14647  1.000 3.65651  ? 8   GLN A CA   1 
ATOM   179 C C    . GLN A 1 8  ? -4.14076 2.43048  -0.31708 1.000 3.45188  ? 8   GLN A C    1 
ATOM   180 O O    . GLN A 1 8  ? -5.00917 3.29434  -0.16481 1.000 3.74760  ? 8   GLN A O    1 
ATOM   181 C CB   . GLN A 1 8  ? -1.94893 3.52202  -0.91717 1.000 3.55951  ? 8   GLN A CB   1 
ATOM   182 C CG   . GLN A 1 8  ? -1.85541 2.84828  -2.27208 1.000 3.54391  ? 8   GLN A CG   1 
ATOM   183 C CD   . GLN A 1 8  ? -1.21665 3.74466  -3.31556 1.000 3.43179  ? 8   GLN A CD   1 
ATOM   184 O OE1  . GLN A 1 8  ? -1.63046 4.88963  -3.51105 1.000 3.78479  ? 8   GLN A OE1  1 
ATOM   185 N NE2  . GLN A 1 8  ? -0.20126 3.22396  -3.99493 1.000 4.06756  ? 8   GLN A NE2  1 
ATOM   186 H H    . GLN A 1 8  ? -1.25193 1.37789  0.06281  1.000 4.64010  ? 8   GLN A H    1 
ATOM   187 H HA   . GLN A 1 8  ? -2.76763 3.25990  0.94628  1.000 4.39760  ? 8   GLN A HA   1 
ATOM   188 H HB2  . GLN A 1 8  ? -2.40204 4.37044  -1.04274 1.000 4.28120  ? 8   GLN A HB2  1 
ATOM   189 H HB3  . GLN A 1 8  ? -1.04401 3.67265  -0.60203 1.000 4.28120  ? 8   GLN A HB3  1 
ATOM   190 H HG2  . GLN A 1 8  ? -1.31614 2.04600  -2.19192 1.000 4.26248  ? 8   GLN A HG2  1 
ATOM   191 H HG3  . GLN A 1 8  ? -2.74772 2.61928  -2.57579 1.000 4.26248  ? 8   GLN A HG3  1 
ATOM   192 H HE21 . GLN A 1 8  ? 0.05856  2.42061  -3.83145 1.000 4.89087  ? 8   GLN A HE21 1 
ATOM   193 H HE22 . GLN A 1 8  ? 0.19646  3.69011  -4.59836 1.000 4.89087  ? 8   GLN A HE22 1 
HETATM 194 N N    . AIB A 1 9  ? -4.38308 1.23415  -0.88031 1.000 3.38959  ? 9   AIB A N    1 
HETATM 195 C CA   . AIB A 1 9  ? -5.70645 0.82133  -1.32143 1.000 3.59508  ? 9   AIB A CA   1 
HETATM 196 C C    . AIB A 1 9  ? -6.77004 0.93939  -0.20209 1.000 3.92957  ? 9   AIB A C    1 
HETATM 197 O O    . AIB A 1 9  ? -7.96878 1.05229  -0.46715 1.000 4.42562  ? 9   AIB A O    1 
HETATM 198 C CB1  . AIB A 1 9  ? -6.18255 1.63427  -2.53492 1.000 4.08464  ? 9   AIB A CB1  1 
HETATM 199 C CB2  . AIB A 1 9  ? -5.63526 -0.66371 -1.68922 1.000 3.99942  ? 9   AIB A CB2  1 
HETATM 200 H H    . AIB A 1 9  ? -3.81134 0.42496  -0.73770 1.000 4.07730  ? 9   AIB A H    1 
HETATM 201 H HB11 . AIB A 1 9  ? -7.18955 1.27622  -2.85619 1.000 4.91136  ? 9   AIB A HB11 1 
HETATM 202 H HB12 . AIB A 1 9  ? -6.24617 2.71467  -2.26267 1.000 4.91136  ? 9   AIB A HB12 1 
HETATM 203 H HB13 . AIB A 1 9  ? -5.46185 1.50940  -3.37781 1.000 4.91136  ? 9   AIB A HB13 1 
HETATM 204 H HB21 . AIB A 1 9  ? -6.63688 -0.99761 -2.05385 1.000 4.80910  ? 9   AIB A HB21 1 
HETATM 205 H HB22 . AIB A 1 9  ? -4.87227 -0.80429 -2.49282 1.000 4.80910  ? 9   AIB A HB22 1 
HETATM 206 H HB23 . AIB A 1 9  ? -5.34576 -1.25027 -0.78378 1.000 4.80910  ? 9   AIB A HB23 1 
ATOM   207 N N    A LEU A 1 10 ? -6.31174 0.88596  1.04706  0.843 3.83852  ? 10  LEU A N    1 
ATOM   208 N N    B LEU A 1 10 ? -6.29698 0.85462  1.04349  0.157 4.52412  ? 10  LEU A N    1 
ATOM   209 C CA   A LEU A 1 10 ? -7.21036 0.90592  2.19852  0.843 4.10142  ? 10  LEU A CA   1 
ATOM   210 C CA   B LEU A 1 10 ? -7.15918 0.81745  2.22689  0.157 5.13693  ? 10  LEU A CA   1 
ATOM   211 C C    A LEU A 1 10 ? -7.22898 2.24948  2.91454  0.843 4.48898  ? 10  LEU A C    1 
ATOM   212 C C    B LEU A 1 10 ? -7.16946 2.14101  2.99263  0.157 5.35359  ? 10  LEU A C    1 
ATOM   213 O O    A LEU A 1 10 ? -7.88362 2.45325  3.92977  0.843 4.33931  ? 10  LEU A O    1 
ATOM   214 O O    B LEU A 1 10 ? -7.08476 2.15784  4.22713  0.157 4.89033  ? 10  LEU A O    1 
ATOM   215 C CB   A LEU A 1 10 ? -6.83319 -0.23262 3.16221  0.843 4.07101  ? 10  LEU A CB   1 
ATOM   216 C CB   B LEU A 1 10 ? -6.71176 -0.30327 3.17581  0.157 5.52666  ? 10  LEU A CB   1 
ATOM   217 C CG   A LEU A 1 10 ? -6.91386 -1.62950 2.52885  0.843 4.02008  ? 10  LEU A CG   1 
ATOM   218 C CG   B LEU A 1 10 ? -6.72826 -1.74063 2.65083  0.157 5.91771  ? 10  LEU A CG   1 
ATOM   219 C CD1  A LEU A 1 10 ? -6.48741 -2.70816 3.52370  0.843 4.58960  ? 10  LEU A CD1  1 
ATOM   220 C CD1  B LEU A 1 10 ? -5.97577 -2.65291 3.60997  0.157 6.23971  ? 10  LEU A CD1  1 
ATOM   221 C CD2  A LEU A 1 10 ? -8.29967 -1.92282 2.00584  0.843 4.76710  ? 10  LEU A CD2  1 
ATOM   222 C CD2  B LEU A 1 10 ? -8.14979 -2.22915 2.45678  0.157 6.11001  ? 10  LEU A CD2  1 
ATOM   223 H H    A LEU A 1 10 ? -5.47878 0.83740  1.25542  0.843 4.61601  ? 10  LEU A H    1 
ATOM   224 H H    B LEU A 1 10 ? -5.45936 0.81632  1.23463  0.157 5.43874  ? 10  LEU A H    1 
ATOM   225 H HA   A LEU A 1 10 ? -8.11863 0.76472  1.88870  0.843 4.93150  ? 10  LEU A HA   1 
ATOM   226 H HA   B LEU A 1 10 ? -8.06485 0.64700  1.92421  0.157 6.17411  ? 10  LEU A HA   1 
ATOM   227 H HB2  A LEU A 1 10 ? -5.92170 -0.09567 3.46442  0.843 4.89500  ? 10  LEU A HB2  1 
ATOM   228 H HB2  B LEU A 1 10 ? -5.79853 -0.11523 3.44331  0.157 6.64178  ? 10  LEU A HB2  1 
ATOM   229 H HB3  A LEU A 1 10 ? -7.43990 -0.21401 3.91881  0.843 4.89500  ? 10  LEU A HB3  1 
ATOM   230 H HB3  B LEU A 1 10 ? -7.29517 -0.28329 3.95049  0.157 6.64178  ? 10  LEU A HB3  1 
ATOM   231 H HG   A LEU A 1 10 ? -6.30254 -1.64895 1.77598  0.843 4.83388  ? 10  LEU A HG   1 
ATOM   232 H HG   B LEU A 1 10 ? -6.28763 -1.76848 1.78713  0.157 7.11104  ? 10  LEU A HG   1 
ATOM   233 H HD11 A LEU A 1 10 ? -6.54848 -3.57577 3.09424  0.843 5.51732  ? 10  LEU A HD11 1 
ATOM   234 H HD11 B LEU A 1 10 ? -5.83694 -3.51327 3.18406  0.157 7.49744  ? 10  LEU A HD11 1 
ATOM   235 H HD12 A LEU A 1 10 ? -5.57298 -2.53938 3.79979  0.843 5.51732  ? 10  LEU A HD12 1 
ATOM   236 H HD12 B LEU A 1 10 ? -5.12074 -2.24852 3.82512  0.157 7.49744  ? 10  LEU A HD12 1 
ATOM   237 H HD13 A LEU A 1 10 ? -7.07637 -2.67809 4.29384  0.843 5.51732  ? 10  LEU A HD13 1 
ATOM   238 H HD13 B LEU A 1 10 ? -6.50142 -2.76455 4.41751  0.157 7.49744  ? 10  LEU A HD13 1 
ATOM   239 H HD21 A LEU A 1 10 ? -8.34207 -2.85090 1.72694  0.843 5.73031  ? 10  LEU A HD21 1 
ATOM   240 H HD21 B LEU A 1 10 ? -8.13027 -3.16566 2.20489  0.157 7.34180  ? 10  LEU A HD21 1 
ATOM   241 H HD22 A LEU A 1 10 ? -8.94468 -1.75976 2.71172  0.843 5.73031  ? 10  LEU A HD22 1 
ATOM   242 H HD22 B LEU A 1 10 ? -8.63738 -2.12035 3.28823  0.157 7.34180  ? 10  LEU A HD22 1 
ATOM   243 H HD23 A LEU A 1 10 ? -8.48174 -1.34185 1.25072  0.843 5.73031  ? 10  LEU A HD23 1 
ATOM   244 H HD23 B LEU A 1 10 ? -8.57031 -1.70680 1.75591  0.157 7.34180  ? 10  LEU A HD23 1 
HETATM 245 C C11  A I77 A 1 11 ? -4.95924 6.70847  4.10969  0.658 5.75696  ? 11  I77 A C11  1 
HETATM 246 C C11  B I77 A 1 11 ? -4.97895 6.36562  4.86799  0.342 6.19853  ? 11  I77 A C11  1 
HETATM 247 C C12  A I77 A 1 11 ? -6.14653 6.83362  3.39779  0.658 5.03152  ? 11  I77 A C12  1 
HETATM 248 C C12  B I77 A 1 11 ? -5.96004 6.47302  3.89747  0.342 5.87401  ? 11  I77 A C12  1 
HETATM 249 C C13  A I77 A 1 11 ? -6.70546 5.66830  2.61064  0.658 4.65485  ? 11  I77 A C13  1 
HETATM 250 C C13  B I77 A 1 11 ? -6.50244 5.21707  3.23074  0.342 6.25325  ? 11  I77 A C13  1 
HETATM 251 C C17  A I77 A 1 11 ? -6.80361 8.04532  3.34777  0.658 5.30419  ? 11  I77 A C17  1 
HETATM 252 C C17  B I77 A 1 11 ? -6.44797 7.72588  3.54048  0.342 5.41393  ? 11  I77 A C17  1 
HETATM 253 C C18  A I77 A 1 11 ? -6.26732 9.09305  4.05002  0.658 4.95044  ? 11  I77 A C18  1 
HETATM 254 C C18  B I77 A 1 11 ? -5.92774 8.83165  4.18135  0.342 5.08185  ? 11  I77 A C18  1 
HETATM 255 C C02  A I77 A 1 11 ? -2.89157 13.25003 7.76724  0.658 3.86505  ? 11  I77 A C02  1 
HETATM 256 C C02  B I77 A 1 11 ? -2.84753 13.23321 7.89989  0.342 4.69704  ? 11  I77 A C02  1 
HETATM 257 C C03  A I77 A 1 11 ? -3.53408 12.12457 6.96330  0.658 3.78383  ? 11  I77 A C03  1 
HETATM 258 C C03  B I77 A 1 11 ? -3.41169 12.00717 7.16906  0.342 4.97187  ? 11  I77 A C03  1 
HETATM 259 C C04  A I77 A 1 11 ? -2.97885 10.88020 7.12316  0.658 4.20955  ? 11  I77 A C04  1 
HETATM 260 C C04  B I77 A 1 11 ? -2.76357 10.79879 7.34880  0.342 5.53229  ? 11  I77 A C04  1 
HETATM 261 C C05  A I77 A 1 11 ? -3.49026 9.83606  6.39587  0.658 4.14950  ? 11  I77 A C05  1 
HETATM 262 C C05  B I77 A 1 11 ? -3.26956 9.70184  6.67403  0.342 5.45468  ? 11  I77 A C05  1 
HETATM 263 C C06  A I77 A 1 11 ? -4.60145 12.30885 6.08845  0.658 4.63132  ? 11  I77 A C06  1 
HETATM 264 C C06  B I77 A 1 11 ? -4.52925 12.09573 6.35298  0.342 5.36128  ? 11  I77 A C06  1 
HETATM 265 C C08  A I77 A 1 11 ? -4.55810 10.06563 5.55362  0.658 4.16016  ? 11  I77 A C08  1 
HETATM 266 C C08  B I77 A 1 11 ? -4.37975 9.84916  5.85780  0.342 5.09999  ? 11  I77 A C08  1 
HETATM 267 C C09  A I77 A 1 11 ? -5.11175 8.90360  4.77890  0.658 4.69743  ? 11  I77 A C09  1 
HETATM 268 C C09  B I77 A 1 11 ? -4.94335 8.64706  5.13932  0.342 5.33640  ? 11  I77 A C09  1 
HETATM 269 N N01  A I77 A 1 11 ? -3.49512 14.52872 7.63742  0.658 4.62307  ? 11  I77 A N01  1 
HETATM 270 N N01  B I77 A 1 11 ? -3.28437 14.53995 7.46625  0.342 4.26467  ? 11  I77 A N01  1 
HETATM 271 N N07  A I77 A 1 11 ? -5.09681 11.26566 5.41801  0.658 4.70548  ? 11  I77 A N07  1 
HETATM 272 N N07  B I77 A 1 11 ? -4.97997 11.01466 5.72569  0.342 5.53826  ? 11  I77 A N07  1 
HETATM 273 N N10  A I77 A 1 11 ? -4.47764 7.74302  4.77497  0.658 5.85293  ? 11  I77 A N10  1 
HETATM 274 N N10  B I77 A 1 11 ? -4.50931 7.44393  5.45583  0.342 6.05083  ? 11  I77 A N10  1 
HETATM 275 N N14  A I77 A 1 11 ? -6.19322 4.39853  3.01282  0.658 4.14690  ? 11  I77 A N14  1 
HETATM 276 N N14  B I77 A 1 11 ? -5.58931 4.07940  3.14761  0.342 5.92813  ? 11  I77 A N14  1 
HETATM 277 N N15  A I77 A 1 11 ? -6.55434 3.29845  2.25812  0.658 3.90359  ? 11  I77 A N15  1 
HETATM 278 N N15  B I77 A 1 11 ? -6.05343 2.90310  2.53171  0.342 5.24571  ? 11  I77 A N15  1 
HETATM 279 O O16  A I77 A 1 11 ? -7.48205 5.78512  1.71834  0.658 6.09178  ? 11  I77 A O16  1 
HETATM 280 O O16  B I77 A 1 11 ? -7.62396 5.15803  2.82878  0.342 7.20476  ? 11  I77 A O16  1 
HETATM 281 O O19  A I77 A 1 11 ? -1.93081 13.05929 8.45140  0.658 4.40487  ? 11  I77 A O19  1 
HETATM 282 O O19  B I77 A 1 11 ? -2.05431 13.09328 8.76458  0.342 4.82743  ? 11  I77 A O19  1 
HETATM 283 H H111 A I77 A 1 11 ? -4.43154 5.76736  4.11893  0.658 6.91814  ? 11  I77 A H111 1 
HETATM 284 H H111 B I77 A 1 11 ? -4.59838 5.39415  5.14304  0.342 7.44802  ? 11  I77 A H111 1 
HETATM 285 H H171 A I77 A 1 11 ? -7.71925 8.16568  2.76880  0.658 6.37482  ? 11  I77 A H171 1 
HETATM 286 H H171 B I77 A 1 11 ? -7.21866 7.83100  2.77688  0.342 6.50651  ? 11  I77 A H171 1 
HETATM 287 H H181 A I77 A 1 11 ? -6.74996 10.06799 4.03270  0.658 5.95032  ? 11  I77 A H181 1 
HETATM 288 H H181 B I77 A 1 11 ? -6.28394 9.83072  3.93899  0.342 6.10801  ? 11  I77 A H181 1 
HETATM 289 H H041 A I77 A 1 11 ? -2.16160 10.72722 7.80301  0.658 5.06125  ? 11  I77 A H041 1 
HETATM 290 H H041 B I77 A 1 11 ? -1.90297 10.71531 7.98588  0.342 6.64854  ? 11  I77 A H041 1 
HETATM 291 H H051 A I77 A 1 11 ? -3.06182 8.84511  6.48154  0.658 4.98919  ? 11  I77 A H051 1 
HETATM 292 H H051 B I77 A 1 11 ? -2.80003 8.73204  6.78321  0.342 6.55541  ? 11  I77 A H051 1 
HETATM 293 H H061 A I77 A 1 11 ? -5.02764 13.29294 5.95245  0.658 5.56737  ? 11  I77 A H061 1 
HETATM 294 H H061 B I77 A 1 11 ? -5.03342 13.04366 6.22722  0.342 6.44333  ? 11  I77 A H061 1 
HETATM 295 H H011 A I77 A 1 11 ? -3.11521 15.30377 8.13842  0.658 5.55748  ? 11  I77 A H011 1 
HETATM 296 H H011 B I77 A 1 11 ? -2.92990 15.35697 7.91780  0.342 5.12740  ? 11  I77 A H011 1 
HETATM 297 H H012 A I77 A 1 11 ? -4.30250 14.65541 7.05059  0.658 5.55748  ? 11  I77 A H012 1 
HETATM 298 H H012 B I77 A 1 11 ? -3.95459 14.62843 6.72061  0.342 5.12740  ? 11  I77 A H012 1 
HETATM 299 H H141 A I77 A 1 11 ? -5.59250 4.30740  3.81461  0.658 4.98607  ? 11  I77 A H141 1 
HETATM 300 H H141 B I77 A 1 11 ? -4.65636 4.13551  3.51975  0.342 7.12355  ? 11  I77 A H141 1 
HETATM 301 N N    . CCN B 2 .  ? -0.09512 -4.09744 2.70466  1.000 8.93336  ? 201 CCN A N    1 
HETATM 302 C C1   . CCN B 2 .  ? 0.07222  -4.03097 3.82297  1.000 8.57981  ? 201 CCN A C1   1 
HETATM 303 C C2   . CCN B 2 .  ? 0.31094  -3.91748 5.32361  1.000 9.76354  ? 201 CCN A C2   1 
HETATM 304 H H21  . CCN B 2 .  ? -0.13133 -4.76952 5.82493  1.000 11.72604 ? 201 CCN A H21  1 
HETATM 305 H H22  . CCN B 2 .  ? -0.14212 -3.00591 5.69328  1.000 11.72604 ? 201 CCN A H22  1 
HETATM 306 H H23  . CCN B 2 .  ? 1.37593  -3.89636 5.51913  1.000 11.72604 ? 201 CCN A H23  1 
HETATM 307 N N    . CCN C 2 .  ? -3.46124 1.57634  -5.24195 1.000 7.13117  ? 202 CCN A N    1 
HETATM 308 C C1   . CCN C 2 .  ? -2.99533 0.59141  -4.96585 1.000 5.75565  ? 202 CCN A C1   1 
HETATM 309 C C2   . CCN C 2 .  ? -2.36444 -0.72370 -4.58831 1.000 5.51459  ? 202 CCN A C2   1 
HETATM 310 H H21  . CCN C 2 .  ? -2.85400 -1.52641 -5.12577 1.000 6.62730  ? 202 CCN A H21  1 
HETATM 311 H H22  . CCN C 2 .  ? -1.31245 -0.70630 -4.84504 1.000 6.62730  ? 202 CCN A H22  1 
HETATM 312 H H23  . CCN C 2 .  ? -2.47341 -0.88362 -3.52274 1.000 6.62730  ? 202 CCN A H23  1 
HETATM 313 O O    . HOH D 3 .  ? 11.62562 8.74208  6.22455  1.000 30.02086 ? 301 HOH A O    1 
HETATM 314 O O    . HOH D 3 .  ? 5.81895  4.43596  -0.89854 1.000 19.68187 ? 302 HOH A O    1 
HETATM 315 O O    . HOH D 3 .  ? 8.27614  1.81398  -3.30655 1.000 9.42017  ? 303 HOH A O    1 
HETATM 316 O O    . HOH D 3 .  ? -5.46179 3.55447  5.88309  1.000 41.11224 ? 304 HOH A O    1 
HETATM 317 O O    . HOH D 3 .  ? 0.39697  3.82172  2.04099  1.000 21.06192 ? 305 HOH A O    1 
HETATM 318 O O    . HOH D 3 .  ? -3.32179 2.70059  4.40748  1.000 31.18538 ? 306 HOH A O    1 
HETATM 319 O O    . HOH D 3 .  ? -5.26763 15.65259 5.53652  1.000 23.46340 ? 307 HOH A O    1 
HETATM 320 O O    . HOH D 3 .  ? 8.54641  7.34248  4.52237  1.000 39.67803 ? 308 HOH A O    1 
HETATM 321 O O    . HOH D 3 .  ? 8.31890  4.09138  -2.20916 1.000 29.61003 ? 309 HOH A O    1 
HETATM 322 O O    . HOH D 3 .  ? -1.73697 5.10795  2.60722  1.000 41.93082 ? 310 HOH A O    1 
HETATM 323 O O    . HOH D 3 .  ? -3.94416 17.42459 4.61846  1.000 31.71480 ? 311 HOH A O    1 
HETATM 324 O O    . HOH D 3 .  ? 2.34055  5.22102  3.97638  1.000 37.01664 ? 312 HOH A O    1 
HETATM 325 O O    . HOH D 3 .  ? 5.00110  5.04896  4.03316  1.000 33.81431 ? 313 HOH A O    1 
HETATM 326 O O    . HOH D 3 .  ? 6.04017  7.49366  5.18091  1.000 38.26876 ? 314 HOH A O    1 
HETATM 327 O O    . HOH D 3 .  ? 1.24118  7.85524  4.03801  1.000 45.43850 ? 315 HOH A O    1 
HETATM 328 O O    . HOH D 3 .  ? 5.26123  7.55303  7.13756  1.000 34.81874 ? 316 HOH A O    1 
# 
loop_
_atom_site_anisotrop.id 
_atom_site_anisotrop.type_symbol 
_atom_site_anisotrop.pdbx_label_atom_id 
_atom_site_anisotrop.pdbx_label_alt_id 
_atom_site_anisotrop.pdbx_label_comp_id 
_atom_site_anisotrop.pdbx_label_asym_id 
_atom_site_anisotrop.pdbx_label_seq_id 
_atom_site_anisotrop.pdbx_PDB_ins_code 
_atom_site_anisotrop.U[1][1] 
_atom_site_anisotrop.U[2][2] 
_atom_site_anisotrop.U[3][3] 
_atom_site_anisotrop.U[1][2] 
_atom_site_anisotrop.U[1][3] 
_atom_site_anisotrop.U[2][3] 
_atom_site_anisotrop.pdbx_auth_seq_id 
_atom_site_anisotrop.pdbx_auth_comp_id 
_atom_site_anisotrop.pdbx_auth_asym_id 
_atom_site_anisotrop.pdbx_auth_atom_id 
1   C C05 A I6W A 1  ? 0.09930 0.18130 0.11986 -0.04980 0.03342  -0.02392 1   I6W A C05 
2   C C05 B I6W A 1  ? 0.07292 0.06493 0.06568 -0.01461 0.01781  -0.00899 1   I6W A C05 
3   C C08 A I6W A 1  ? 0.10417 0.18631 0.11728 -0.05619 0.04084  -0.02253 1   I6W A C08 
4   C C08 B I6W A 1  ? 0.06975 0.07991 0.05516 -0.02200 0.02438  -0.01103 1   I6W A C08 
5   C C09 A I6W A 1  ? 0.12240 0.19216 0.12060 -0.06532 0.05006  -0.02208 1   I6W A C09 
6   C C09 B I6W A 1  ? 0.07610 0.10232 0.06689 -0.03194 0.02650  -0.02216 1   I6W A C09 
7   N N10 A I6W A 1  ? 0.14069 0.19458 0.12523 -0.07000 0.05597  -0.02205 1   I6W A N10 
8   N N10 B I6W A 1  ? 0.09545 0.10928 0.09071 -0.03008 0.03438  -0.03232 1   I6W A N10 
9   C C02 A I6W A 1  ? 0.05718 0.15598 0.08903 -0.02375 0.01587  -0.01456 1   I6W A C02 
10  C C02 B I6W A 1  ? 0.05049 0.04465 0.05025 0.00723  0.00563  0.00779  1   I6W A C02 
11  C C03 A I6W A 1  ? 0.07942 0.16915 0.10459 -0.03701 0.02416  -0.01890 1   I6W A C03 
12  C C03 B I6W A 1  ? 0.05081 0.05581 0.04819 -0.00058 0.01100  0.00210  1   I6W A C03 
13  C C04 A I6W A 1  ? 0.09056 0.17540 0.11560 -0.04330 0.02768  -0.02253 1   I6W A C04 
14  C C04 B I6W A 1  ? 0.06292 0.05968 0.06298 -0.00394 0.01082  -0.00472 1   I6W A C04 
15  C C06 A I6W A 1  ? 0.08837 0.17690 0.11044 -0.04296 0.02915  -0.02052 1   I6W A C06 
16  C C06 B I6W A 1  ? 0.05233 0.06823 0.04844 -0.00777 0.00885  0.00000  1   I6W A C06 
17  C C11 A I6W A 1  ? 0.14610 0.19396 0.12703 -0.07227 0.05888  -0.02130 1   I6W A C11 
18  C C11 B I6W A 1  ? 0.08354 0.12653 0.09822 -0.03167 0.03686  -0.03706 1   I6W A C11 
19  C C12 A I6W A 1  ? 0.14513 0.19362 0.12858 -0.07209 0.05911  -0.02149 1   I6W A C12 
20  C C12 B I6W A 1  ? 0.08749 0.13782 0.09514 -0.03618 0.02760  -0.03736 1   I6W A C12 
21  C C13 A I6W A 1  ? 0.15819 0.19788 0.13649 -0.07773 0.06378  -0.02365 1   I6W A C13 
22  C C13 B I6W A 1  ? 0.09199 0.15326 0.11811 -0.03545 0.02225  -0.04451 1   I6W A C13 
23  C C15 A I6W A 1  ? 0.19201 0.20288 0.14488 -0.07682 0.05327  -0.02374 1   I6W A C15 
24  C C15 B I6W A 1  ? 0.13553 0.18248 0.12807 -0.04043 0.01786  -0.05075 1   I6W A C15 
25  C C16 A I6W A 1  ? 0.19433 0.20487 0.14238 -0.07624 0.05485  -0.02479 1   I6W A C16 
26  C C16 B I6W A 1  ? 0.15786 0.18685 0.14211 -0.04102 0.01337  -0.05372 1   I6W A C16 
27  C C18 A I6W A 1  ? 0.13654 0.19398 0.12516 -0.07028 0.05541  -0.02251 1   I6W A C18 
28  C C18 B I6W A 1  ? 0.09051 0.13310 0.08911 -0.04043 0.01374  -0.03208 1   I6W A C18 
29  C C19 A I6W A 1  ? 0.12815 0.19236 0.12021 -0.06773 0.05118  -0.02129 1   I6W A C19 
30  C C19 B I6W A 1  ? 0.07831 0.12088 0.07664 -0.03783 0.01356  -0.02603 1   I6W A C19 
31  N N07 A I6W A 1  ? 0.10272 0.18245 0.11696 -0.04904 0.03169  -0.02255 1   I6W A N07 
32  N N07 B I6W A 1  ? 0.05905 0.07839 0.05972 -0.01002 0.00857  -0.00747 1   I6W A N07 
33  O O01 A I6W A 1  ? 0.04947 0.15645 0.08877 -0.02345 0.01523  -0.01618 1   I6W A O01 
34  O O01 B I6W A 1  ? 0.05143 0.05511 0.06075 0.00855  0.00442  0.00663  1   I6W A O01 
35  O O14 A I6W A 1  ? 0.18420 0.20067 0.14189 -0.07644 0.05480  -0.02398 1   I6W A O14 
36  O O14 B I6W A 1  ? 0.10899 0.17257 0.12269 -0.03300 0.01901  -0.05510 1   I6W A O14 
37  O O17 A I6W A 1  ? 0.15917 0.19914 0.14441 -0.07450 0.06432  -0.02827 1   I6W A O17 
38  O O17 B I6W A 1  ? 0.10044 0.14728 0.13254 -0.04017 0.00190  -0.03845 1   I6W A O17 
61  N N   A LEU A 2  ? 0.04455 0.13684 0.06937 -0.00691 0.00750  -0.00632 2   LEU A N   
62  N N   B LEU A 2  ? 0.04974 0.04334 0.04248 0.00856  0.00210  0.00442  2   LEU A N   
63  C CA  A LEU A 2  ? 0.05060 0.11639 0.06478 0.00247  0.00329  0.00024  2   LEU A CA  
64  C CA  B LEU A 2  ? 0.04921 0.05048 0.04139 0.01298  -0.00465 0.00228  2   LEU A CA  
65  C C   A LEU A 2  ? 0.04923 0.09442 0.05474 0.00736  -0.00192 0.00565  2   LEU A C   
66  C C   B LEU A 2  ? 0.05097 0.05968 0.04721 0.01349  -0.00396 0.00447  2   LEU A C   
67  O O   A LEU A 2  ? 0.04784 0.09728 0.05329 0.00734  -0.00627 0.00510  2   LEU A O   
68  O O   B LEU A 2  ? 0.04831 0.06483 0.05203 0.01333  -0.01124 0.00309  2   LEU A O   
69  C CB  A LEU A 2  ? 0.05137 0.11803 0.07975 0.00493  0.00011  0.00083  2   LEU A CB  
70  C CB  B LEU A 2  ? 0.04719 0.05346 0.04649 0.01718  -0.00787 -0.00528 2   LEU A CB  
71  C CG  A LEU A 2  ? 0.06400 0.11426 0.09844 0.00671  0.00068  0.00115  2   LEU A CG  
72  C CG  B LEU A 2  ? 0.05377 0.05902 0.05983 0.01914  -0.01975 -0.01360 2   LEU A CG  
73  C CD1 A LEU A 2  ? 0.07697 0.11585 0.10453 0.00594  -0.00544 -0.00070 2   LEU A CD1 
74  C CD1 B LEU A 2  ? 0.07707 0.06579 0.06142 0.02007  -0.02877 -0.01464 2   LEU A CD1 
75  C CD2 A LEU A 2  ? 0.07074 0.11187 0.10743 0.00685  0.00611  0.00075  2   LEU A CD2 
76  C CD2 B LEU A 2  ? 0.05668 0.05722 0.07469 0.01754  -0.01795 -0.02166 2   LEU A CD2 
97  N N   . AIB A 3  ? 0.04351 0.07290 0.05450 0.00853  -0.00359 0.01316  3   AIB A N   
98  C CA  . AIB A 3  ? 0.04175 0.07344 0.06115 0.00548  -0.00438 0.01812  3   AIB A CA  
99  C C   . AIB A 3  ? 0.04265 0.07212 0.05043 0.00507  -0.00553 0.01225  3   AIB A C   
100 O O   . AIB A 3  ? 0.04530 0.07303 0.06024 0.00589  -0.00276 0.01272  3   AIB A O   
101 C CB1 . AIB A 3  ? 0.05177 0.06236 0.08730 0.00367  -0.01207 0.02407  3   AIB A CB1 
102 C CB2 . AIB A 3  ? 0.04633 0.08986 0.06119 0.00193  -0.00215 0.02384  3   AIB A CB2 
110 N N   . ALA A 4  ? 0.05207 0.07050 0.05531 0.00414  -0.00795 0.00148  4   ALA A N   
111 C CA  . ALA A 4  ? 0.06648 0.06879 0.06380 0.00799  -0.01525 -0.00844 4   ALA A CA  
112 C C   . ALA A 4  ? 0.06750 0.05425 0.06246 0.00425  -0.01169 0.00116  4   ALA A C   
113 O O   . ALA A 4  ? 0.07863 0.05901 0.07582 0.01049  -0.01590 -0.00489 4   ALA A O   
114 C CB  . ALA A 4  ? 0.08736 0.07168 0.09312 0.00171  -0.02581 -0.01781 4   ALA A CB  
120 N N   A ASP A 5  ? 0.06654 0.04902 0.05516 -0.00322 -0.00876 0.01223  5   ASP A N   
121 N N   B ASP A 5  ? 0.07494 0.05541 0.06217 -0.00408 -0.00657 0.00315  5   ASP A N   
122 C CA  A ASP A 5  ? 0.06484 0.04763 0.05409 0.00166  -0.00643 0.01724  5   ASP A CA  
123 C CA  B ASP A 5  ? 0.08445 0.05746 0.06730 -0.00707 0.00198  0.00178  5   ASP A CA  
124 C C   A ASP A 5  ? 0.05353 0.04527 0.04722 0.01397  0.00010  0.00989  5   ASP A C   
125 C C   B ASP A 5  ? 0.06820 0.05158 0.05592 0.00314  -0.00011 0.00199  5   ASP A C   
126 O O   A ASP A 5  ? 0.05197 0.05003 0.05041 0.01976  -0.00258 0.01371  5   ASP A O   
127 O O   B ASP A 5  ? 0.06489 0.05662 0.05739 0.00593  -0.00083 0.00010  5   ASP A O   
128 C CB  A ASP A 5  ? 0.05878 0.05874 0.05639 -0.00311 -0.00085 0.01888  5   ASP A CB  
129 C CB  B ASP A 5  ? 0.11117 0.06861 0.08248 -0.01966 0.01372  -0.00189 5   ASP A CB  
130 C CG  A ASP A 5  ? 0.06864 0.05867 0.06849 -0.00332 0.00024  0.01904  5   ASP A CG  
131 C CG  B ASP A 5  ? 0.13458 0.08213 0.10805 -0.02728 0.02503  -0.01290 5   ASP A CG  
132 O OD1 A ASP A 5  ? 0.08010 0.05682 0.09404 -0.00160 0.00088  0.01140  5   ASP A OD1 
133 O OD1 B ASP A 5  ? 0.14241 0.08212 0.11749 -0.02820 0.02986  -0.01665 5   ASP A OD1 
134 O OD2 A ASP A 5  ? 0.06520 0.07900 0.07061 -0.00701 0.00285  0.01111  5   ASP A OD2 
135 O OD2 B ASP A 5  ? 0.14101 0.09345 0.12182 -0.03080 0.02666  -0.01691 5   ASP A OD2 
144 N N   . LEU A 6  ? 0.05601 0.04526 0.05077 0.00448  -0.00788 0.00990  6   LEU A N   
145 C CA  . LEU A 6  ? 0.05559 0.04793 0.05454 0.00432  -0.00960 0.00566  6   LEU A CA  
146 C C   . LEU A 6  ? 0.05077 0.05246 0.05469 0.00624  -0.01104 0.00783  6   LEU A C   
147 O O   . LEU A 6  ? 0.05064 0.06046 0.05984 0.00049  -0.01504 0.00531  6   LEU A O   
148 C CB  . LEU A 6  ? 0.06396 0.05097 0.07246 0.00297  -0.01373 0.00348  6   LEU A CB  
149 C CG  . LEU A 6  ? 0.07799 0.05524 0.09215 0.00857  -0.00848 -0.00469 6   LEU A CG  
150 C CD1 . LEU A 6  ? 0.10076 0.05612 0.11194 0.01102  -0.00959 -0.00973 6   LEU A CD1 
151 C CD2 . LEU A 6  ? 0.09897 0.07351 0.08532 0.00923  -0.00676 -0.01124 6   LEU A CD2 
164 N N   . AIB A 7  ? 0.04990 0.06733 0.05094 0.00610  -0.01072 0.00788  7   AIB A N   
165 C CA  . AIB A 7  ? 0.05128 0.07558 0.05140 0.00130  -0.00608 0.01193  7   AIB A CA  
166 C C   . AIB A 7  ? 0.04948 0.06880 0.03840 -0.00231 -0.00043 0.00626  7   AIB A C   
167 O O   . AIB A 7  ? 0.05251 0.07187 0.04130 -0.00346 0.00308  0.00618  7   AIB A O   
168 C CB1 . AIB A 7  ? 0.06204 0.07236 0.07363 -0.00109 -0.00554 0.01820  7   AIB A CB1 
169 C CB2 . AIB A 7  ? 0.06067 0.09753 0.04704 0.00201  -0.00763 0.00907  7   AIB A CB2 
177 N N   . GLN A 8  ? 0.04538 0.06084 0.04039 -0.00180 -0.00009 0.00540  8   GLN A N   
178 C CA  . GLN A 8  ? 0.04462 0.05739 0.03692 -0.00413 0.00665  -0.00026 8   GLN A CA  
179 C C   . GLN A 8  ? 0.04478 0.04821 0.03818 -0.00288 0.00687  0.00036  8   GLN A C   
180 O O   . GLN A 8  ? 0.04719 0.05049 0.04472 -0.00059 0.00891  0.00199  8   GLN A O   
181 C CB  . GLN A 8  ? 0.04430 0.04988 0.04106 -0.00432 0.00605  0.00350  8   GLN A CB  
182 C CG  . GLN A 8  ? 0.04686 0.04903 0.03877 0.00380  0.00610  0.00425  8   GLN A CG  
183 C CD  . GLN A 8  ? 0.04199 0.04986 0.03853 0.00592  0.00410  0.00568  8   GLN A CD  
184 O OE1 . GLN A 8  ? 0.04693 0.04635 0.05053 0.00526  0.00360  0.00190  8   GLN A OE1 
185 N NE2 . GLN A 8  ? 0.05345 0.05072 0.05038 0.01279  0.01366  0.01221  8   GLN A NE2 
194 N N   . AIB A 9  ? 0.04163 0.04710 0.04006 -0.00281 0.00556  0.00116  9   AIB A N   
195 C CA  . AIB A 9  ? 0.04231 0.05402 0.04028 -0.00361 0.00324  0.00002  9   AIB A CA  
196 C C   . AIB A 9  ? 0.04502 0.05332 0.05097 -0.00535 0.00736  -0.00217 9   AIB A C   
197 O O   . AIB A 9  ? 0.04514 0.06359 0.05942 -0.00029 0.00461  0.00018  9   AIB A O   
198 C CB1 . AIB A 9  ? 0.04932 0.06078 0.04510 0.00040  0.00068  0.00057  9   AIB A CB1 
199 C CB2 . AIB A 9  ? 0.04877 0.05186 0.05133 -0.00449 0.00468  -0.00509 9   AIB A CB2 
207 N N   A LEU A 10 ? 0.04964 0.05369 0.04251 -0.00959 0.00981  -0.00169 10  LEU A N   
208 N N   B LEU A 10 ? 0.05905 0.05979 0.05305 -0.01399 0.01442  -0.00783 10  LEU A N   
209 C CA  A LEU A 10 ? 0.05740 0.04919 0.04925 -0.01222 0.01754  -0.00274 10  LEU A CA  
210 C CA  B LEU A 10 ? 0.07094 0.06608 0.05816 -0.02204 0.02130  -0.01302 10  LEU A CA  
211 C C   A LEU A 10 ? 0.06362 0.05063 0.05631 -0.01068 0.01260  -0.00156 10  LEU A C   
212 C C   B LEU A 10 ? 0.08036 0.06446 0.05859 -0.02447 0.02977  -0.01410 10  LEU A C   
213 O O   A LEU A 10 ? 0.05803 0.05314 0.05371 -0.00328 0.01223  -0.00044 10  LEU A O   
214 O O   B LEU A 10 ? 0.07349 0.05808 0.05424 -0.02078 0.03457  -0.01456 10  LEU A O   
215 C CB  A LEU A 10 ? 0.05733 0.05583 0.04152 -0.01145 0.01049  0.00155  10  LEU A CB  
216 C CB  B LEU A 10 ? 0.07167 0.07465 0.06367 -0.02678 0.01516  -0.01464 10  LEU A CB  
217 C CG  A LEU A 10 ? 0.04964 0.05506 0.04805 -0.00525 0.00406  0.00307  10  LEU A CG  
218 C CG  B LEU A 10 ? 0.07285 0.08042 0.07156 -0.02998 0.00851  -0.01496 10  LEU A CG  
219 C CD1 A LEU A 10 ? 0.05070 0.06802 0.05566 -0.00277 0.00063  0.00484  10  LEU A CD1 
220 C CD1 B LEU A 10 ? 0.07181 0.08296 0.08231 -0.03138 0.00533  -0.01633 10  LEU A CD1 
221 C CD2 A LEU A 10 ? 0.06582 0.04624 0.06908 -0.00958 -0.01344 0.00766  10  LEU A CD2 
222 C CD2 B LEU A 10 ? 0.07974 0.08204 0.07037 -0.03173 0.00424  -0.01320 10  LEU A CD2 
245 C C11 A I77 A 11 ? 0.06696 0.06495 0.08684 -0.00700 0.01140  -0.01340 11  I77 A C11 
246 C C11 B I77 A 11 ? 0.07225 0.07616 0.08711 -0.01892 0.01142  -0.02469 11  I77 A C11 
247 C C12 A I77 A 11 ? 0.07079 0.05797 0.06241 -0.00537 0.01374  -0.00648 11  I77 A C12 
248 C C12 B I77 A 11 ? 0.05044 0.07611 0.09664 -0.01089 0.01978  -0.03307 11  I77 A C12 
249 C C13 A I77 A 11 ? 0.06338 0.04986 0.06361 0.00084  0.00507  -0.00682 11  I77 A C13 
250 C C13 B I77 A 11 ? 0.05090 0.08284 0.10386 -0.01213 0.02254  -0.03496 11  I77 A C13 
251 C C17 A I77 A 11 ? 0.08125 0.05775 0.06254 -0.00794 0.00776  -0.00583 11  I77 A C17 
252 C C17 B I77 A 11 ? 0.05076 0.06857 0.08638 -0.00974 0.02223  -0.03371 11  I77 A C17 
253 C C18 A I77 A 11 ? 0.06924 0.05811 0.06075 -0.00644 0.00943  -0.00683 11  I77 A C18 
254 C C18 B I77 A 11 ? 0.05207 0.06940 0.07163 -0.01622 0.02070  -0.02498 11  I77 A C18 
255 C C02 A I77 A 11 ? 0.04649 0.05129 0.04907 -0.01093 0.00648  0.00427  11  I77 A C02 
256 C C02 B I77 A 11 ? 0.06478 0.06603 0.04766 -0.00761 0.00742  -0.01425 11  I77 A C02 
257 C C03 A I77 A 11 ? 0.04353 0.05137 0.04886 -0.00900 0.00303  0.00454  11  I77 A C03 
258 C C03 B I77 A 11 ? 0.07667 0.06963 0.04260 -0.01869 0.00031  -0.00714 11  I77 A C03 
259 C C04 A I77 A 11 ? 0.04435 0.05358 0.06201 -0.00496 -0.00071 -0.00307 11  I77 A C04 
260 C C04 B I77 A 11 ? 0.08909 0.06693 0.05417 -0.02171 -0.00016 -0.00854 11  I77 A C04 
261 C C05 A I77 A 11 ? 0.04494 0.05119 0.06153 0.00162  -0.00273 -0.00649 11  I77 A C05 
262 C C05 B I77 A 11 ? 0.08687 0.06173 0.05866 -0.02414 0.00117  -0.00772 11  I77 A C05 
263 C C06 A I77 A 11 ? 0.06023 0.05653 0.05920 -0.00493 -0.00592 0.00188  11  I77 A C06 
264 C C06 B I77 A 11 ? 0.08498 0.06666 0.05206 -0.01996 -0.00413 -0.00281 11  I77 A C06 
265 C C08 A I77 A 11 ? 0.04464 0.05652 0.05690 -0.00661 0.00428  -0.00333 11  I77 A C08 
266 C C08 B I77 A 11 ? 0.08019 0.06214 0.05145 -0.02468 0.00865  -0.00615 11  I77 A C08 
267 C C09 A I77 A 11 ? 0.05609 0.05943 0.06295 -0.00938 0.01180  -0.00755 11  I77 A C09 
268 C C09 B I77 A 11 ? 0.07041 0.07037 0.06198 -0.02060 0.01443  -0.01856 11  I77 A C09 
269 N N01 A I77 A 11 ? 0.06060 0.05665 0.05840 -0.01306 0.00595  0.00220  11  I77 A N01 
270 N N01 B I77 A 11 ? 0.05388 0.06740 0.04076 0.00383  0.00898  -0.02287 11  I77 A N01 
271 N N07 A I77 A 11 ? 0.05934 0.06189 0.05756 -0.00700 -0.00958 0.00034  11  I77 A N07 
272 N N07 B I77 A 11 ? 0.08701 0.06410 0.05931 -0.02519 0.00159  -0.00257 11  I77 A N07 
273 N N10 A I77 A 11 ? 0.06472 0.06649 0.09116 -0.00603 0.00970  -0.01421 11  I77 A N10 
274 N N10 B I77 A 11 ? 0.08400 0.07559 0.07031 -0.02081 0.00936  -0.01821 11  I77 A N10 
275 N N14 A I77 A 11 ? 0.06539 0.04176 0.05042 -0.00803 0.01472  -0.00601 11  I77 A N14 
276 N N14 B I77 A 11 ? 0.06582 0.07441 0.08501 -0.01469 0.01640  -0.02116 11  I77 A N14 
277 N N15 A I77 A 11 ? 0.05942 0.03925 0.04965 -0.00556 0.01714  -0.00289 11  I77 A N15 
278 N N15 B I77 A 11 ? 0.08076 0.06249 0.05607 -0.02590 0.02497  -0.00730 11  I77 A N15 
279 O O16 A I77 A 11 ? 0.08175 0.05238 0.09734 0.00292  -0.01186 -0.01019 11  I77 A O16 
280 O O16 B I77 A 11 ? 0.05884 0.09137 0.12354 -0.00889 0.01643  -0.04527 11  I77 A O16 
281 O O19 A I77 A 11 ? 0.05918 0.05969 0.04850 -0.00607 -0.00263 -0.00472 11  I77 A O19 
282 O O19 B I77 A 11 ? 0.07416 0.06532 0.04392 -0.00981 0.00434  -0.01149 11  I77 A O19 
301 N N   . CCN B .  ? 0.10764 0.10781 0.12397 0.00495  -0.01264 0.00866  201 CCN A N   
302 C C1  . CCN B .  ? 0.10425 0.09350 0.12824 0.01279  -0.00803 0.00756  201 CCN A C1  
303 C C2  . CCN B .  ? 0.14057 0.09279 0.13762 0.02146  -0.00977 -0.00144 201 CCN A C2  
307 N N   . CCN C .  ? 0.10479 0.09032 0.07584 0.01519  0.00566  -0.01429 202 CCN A N   
308 C C1  . CCN C .  ? 0.07526 0.09330 0.05013 0.00605  0.00343  -0.00696 202 CCN A C1  
309 C C2  . CCN C .  ? 0.06654 0.09489 0.04810 0.00143  -0.00633 0.00042  202 CCN A C2  
313 O O   . HOH D .  ? 0.35416 0.29679 0.48970 -0.05244 0.11176  0.16241  301 HOH A O   
314 O O   . HOH D .  ? 0.25070 0.25283 0.24428 -0.01719 -0.05341 -0.01482 302 HOH A O   
315 O O   . HOH D .  ? 0.09654 0.11283 0.14855 -0.00265 -0.00528 -0.00430 303 HOH A O   
316 O O   . HOH D .  ? 0.51959 0.50041 0.54208 0.02367  -0.31503 -0.05670 304 HOH A O   
317 O O   . HOH D .  ? 0.18909 0.30896 0.30221 0.09919  -0.09687 -0.17040 305 HOH A O   
318 O O   . HOH D .  ? 0.34893 0.47311 0.36287 -0.12385 0.14841  -0.20662 306 HOH A O   
319 O O   . HOH D .  ? 0.35349 0.26899 0.26903 0.15667  -0.15638 -0.12058 307 HOH A O   
320 O O   . HOH D .  ? 0.29771 0.40938 0.80050 0.02772  -0.17158 0.01082  308 HOH A O   
321 O O   . HOH D .  ? 0.29600 0.52919 0.29985 0.05429  0.05997  0.14670  309 HOH A O   
322 O O   . HOH D .  ? 0.43422 0.54826 0.61070 0.10135  -0.21187 -0.29522 310 HOH A O   
323 O O   . HOH D .  ? 0.54976 0.38830 0.26694 0.00198  -0.18311 -0.05267 311 HOH A O   
324 O O   . HOH D .  ? 0.51432 0.40064 0.49149 0.06870  0.14054  -0.20236 312 HOH A O   
325 O O   . HOH D .  ? 0.65749 0.22990 0.39741 0.09309  -0.04274 -0.10134 313 HOH A O   
326 O O   . HOH D .  ? 0.27992 0.62558 0.54855 0.01827  -0.13098 -0.21999 314 HOH A O   
327 O O   . HOH D .  ? 0.48354 0.62470 0.61822 -0.20598 -0.15375 0.22573  315 HOH A O   
328 O O   . HOH D .  ? 0.30662 0.67172 0.34461 -0.09462 0.02764  -0.21469 316 HOH A O   
# 
